data_5ME9
#
_entry.id   5ME9
#
_cell.length_a   82.897
_cell.length_b   122.545
_cell.length_c   148.393
_cell.angle_alpha   90.00
_cell.angle_beta   90.00
_cell.angle_gamma   90.00
#
_symmetry.space_group_name_H-M   'P 21 21 21'
#
loop_
_entity.id
_entity.type
_entity.pdbx_description
1 polymer 'Cell division cycle protein CDT1'
2 non-polymer 'SULFATE ION'
3 non-polymer GLYCEROL
4 water water
#
_entity_poly.entity_id   1
_entity_poly.type   'polypeptide(L)'
_entity_poly.pdbx_seq_one_letter_code
;G(MSE)SGTANSRRKEVLRVPVIDLNRVSDEEQLLPVVRAILLQHDTFLLKNYANKAVLDALLAGLTTKDLPDTSQGFDA
NFTGTLPLEDDVWLEQYIFDTDPQLRFDRKCRNESLCSIYSRLFKLGLFFAQLCVKSVVSSAELQDCISTSHYATKLTRY
FNDNGSTHDGADAGATVLPTGDDFQYLFERDYVTFLPTGVLTIFPCAKAIRYKPST(MSE)ATTDNSWVSIDEPDCLLFH
TGTLLARWSQG(MSE)HTTSPLQIDPRANIVSLTIWPPLTTPISSKGEGTIANHLLEQQIKAFPKVAQQYYPRELSILRL
QDA(MSE)KFVKELFTVCETVLSLNALSRSTGVPPELHVLLPQISS(MSE)(MSE)KRKIVQDDILKLLTIWSDAYVVEL
NSRGELT(MSE)NLPKRDNLTTLTNKSRTLAFVERAESWYQQVIASKDEI(MSE)TDVPAFKINKRRSSSN
;
_entity_poly.pdbx_strand_id   A,B,C
#
loop_
_chem_comp.id
_chem_comp.type
_chem_comp.name
_chem_comp.formula
GOL non-polymer GLYCEROL 'C3 H8 O3'
SO4 non-polymer 'SULFATE ION' 'O4 S -2'
#
# COMPACT_ATOMS: atom_id res chain seq x y z
N VAL A 13 13.84 -11.56 23.55
CA VAL A 13 12.64 -10.73 23.54
C VAL A 13 12.76 -9.58 22.55
N LEU A 14 11.97 -9.65 21.48
CA LEU A 14 11.98 -8.61 20.45
C LEU A 14 11.59 -7.26 21.05
N ARG A 15 12.41 -6.25 20.82
CA ARG A 15 12.13 -4.91 21.34
C ARG A 15 12.06 -3.93 20.19
N VAL A 16 11.94 -4.46 18.99
CA VAL A 16 11.81 -3.66 17.79
C VAL A 16 10.32 -3.61 17.44
N PRO A 17 9.76 -2.40 17.37
CA PRO A 17 8.36 -2.20 16.97
C PRO A 17 8.06 -2.88 15.64
N VAL A 18 6.95 -3.60 15.58
CA VAL A 18 6.58 -4.33 14.38
C VAL A 18 5.26 -3.79 13.83
N ILE A 19 5.27 -3.40 12.57
CA ILE A 19 4.06 -2.92 11.91
C ILE A 19 3.51 -4.01 11.00
N ASP A 20 2.36 -4.56 11.37
CA ASP A 20 1.73 -5.63 10.62
C ASP A 20 0.75 -5.06 9.60
N LEU A 21 1.04 -5.27 8.32
CA LEU A 21 0.25 -4.71 7.23
C LEU A 21 -1.13 -5.37 7.09
N ASN A 22 -1.29 -6.56 7.68
CA ASN A 22 -2.58 -7.26 7.66
C ASN A 22 -3.60 -6.52 8.50
N ARG A 23 -3.15 -5.99 9.64
CA ARG A 23 -4.03 -5.26 10.54
C ARG A 23 -4.27 -3.83 10.06
N VAL A 24 -3.23 -3.02 10.12
CA VAL A 24 -3.27 -1.65 9.64
C VAL A 24 -2.61 -1.54 8.28
N SER A 25 -3.37 -1.09 7.29
CA SER A 25 -2.89 -1.09 5.90
C SER A 25 -3.01 0.28 5.22
N ASP A 26 -3.85 1.15 5.76
CA ASP A 26 -4.13 2.42 5.10
C ASP A 26 -3.32 3.57 5.72
N GLU A 27 -3.05 4.59 4.92
CA GLU A 27 -2.21 5.72 5.35
C GLU A 27 -2.76 6.49 6.55
N GLU A 28 -4.06 6.75 6.55
CA GLU A 28 -4.70 7.46 7.65
C GLU A 28 -4.57 6.66 8.94
N GLN A 29 -4.59 5.34 8.80
CA GLN A 29 -4.44 4.44 9.93
C GLN A 29 -2.96 4.28 10.31
N LEU A 30 -2.09 4.30 9.31
CA LEU A 30 -0.66 4.07 9.51
C LEU A 30 0.09 5.26 10.09
N LEU A 31 -0.30 6.46 9.68
CA LEU A 31 0.42 7.68 10.07
C LEU A 31 0.59 7.85 11.59
N PRO A 32 -0.48 7.68 12.39
CA PRO A 32 -0.28 7.80 13.84
C PRO A 32 0.63 6.71 14.43
N VAL A 33 0.56 5.50 13.87
CA VAL A 33 1.38 4.39 14.36
C VAL A 33 2.85 4.69 14.12
N VAL A 34 3.15 5.16 12.91
CA VAL A 34 4.52 5.52 12.55
C VAL A 34 5.06 6.62 13.44
N ARG A 35 4.27 7.67 13.63
CA ARG A 35 4.66 8.81 14.45
C ARG A 35 4.95 8.41 15.88
N ALA A 36 4.09 7.55 16.44
CA ALA A 36 4.27 7.06 17.80
C ALA A 36 5.59 6.31 17.93
N ILE A 37 5.91 5.52 16.91
CA ILE A 37 7.16 4.78 16.87
C ILE A 37 8.38 5.71 16.75
N LEU A 38 8.31 6.66 15.82
CA LEU A 38 9.45 7.54 15.56
C LEU A 38 9.82 8.44 16.73
N LEU A 39 8.91 8.60 17.69
CA LEU A 39 9.18 9.42 18.86
C LEU A 39 10.06 8.71 19.87
N GLN A 40 10.21 7.40 19.71
CA GLN A 40 10.98 6.59 20.64
C GLN A 40 11.97 5.69 19.92
N HIS A 41 11.78 5.51 18.63
CA HIS A 41 12.57 4.55 17.87
C HIS A 41 13.02 5.09 16.52
N ASP A 42 14.03 4.45 15.95
CA ASP A 42 14.54 4.81 14.63
C ASP A 42 14.49 3.59 13.73
N THR A 43 14.19 2.45 14.35
CA THR A 43 14.18 1.16 13.68
C THR A 43 12.84 0.47 13.91
N PHE A 44 12.28 -0.10 12.86
CA PHE A 44 11.07 -0.93 13.02
C PHE A 44 10.94 -1.99 11.93
N LEU A 45 10.18 -3.03 12.23
CA LEU A 45 9.97 -4.15 11.31
C LEU A 45 8.66 -4.01 10.55
N LEU A 46 8.60 -4.60 9.35
CA LEU A 46 7.37 -4.60 8.57
C LEU A 46 6.92 -6.03 8.30
N LYS A 47 5.82 -6.42 8.93
CA LYS A 47 5.33 -7.78 8.83
C LYS A 47 4.24 -7.89 7.76
N ASN A 48 4.17 -9.05 7.11
CA ASN A 48 3.14 -9.35 6.12
C ASN A 48 3.08 -8.39 4.93
N TYR A 49 4.23 -7.97 4.43
CA TYR A 49 4.30 -7.22 3.18
C TYR A 49 3.86 -8.11 2.03
N ALA A 50 3.08 -7.55 1.11
CA ALA A 50 2.43 -8.33 0.05
C ALA A 50 3.41 -9.09 -0.86
N ASN A 51 4.54 -8.47 -1.18
CA ASN A 51 5.48 -9.07 -2.11
C ASN A 51 6.73 -9.64 -1.43
N LYS A 52 6.59 -10.03 -0.17
CA LYS A 52 7.72 -10.57 0.59
C LYS A 52 8.28 -11.83 -0.06
N ALA A 53 7.41 -12.69 -0.55
CA ALA A 53 7.82 -13.95 -1.17
C ALA A 53 8.59 -13.70 -2.47
N VAL A 54 8.05 -12.84 -3.32
CA VAL A 54 8.72 -12.45 -4.56
C VAL A 54 10.10 -11.89 -4.22
N LEU A 55 10.13 -11.10 -3.15
CA LEU A 55 11.36 -10.47 -2.68
C LEU A 55 12.40 -11.50 -2.26
N ASP A 56 11.98 -12.49 -1.48
CA ASP A 56 12.90 -13.53 -1.01
C ASP A 56 13.39 -14.45 -2.13
N ALA A 57 12.57 -14.63 -3.16
CA ALA A 57 12.96 -15.43 -4.32
C ALA A 57 14.06 -14.71 -5.11
N LEU A 58 13.85 -13.42 -5.35
CA LEU A 58 14.85 -12.59 -6.03
C LEU A 58 16.19 -12.61 -5.31
N LEU A 59 16.15 -12.48 -3.99
CA LEU A 59 17.36 -12.53 -3.18
C LEU A 59 18.02 -13.91 -3.27
N ALA A 60 17.20 -14.95 -3.31
CA ALA A 60 17.70 -16.32 -3.47
C ALA A 60 18.37 -16.50 -4.82
N GLY A 61 17.75 -15.97 -5.86
CA GLY A 61 18.27 -16.05 -7.22
C GLY A 61 19.67 -15.46 -7.37
N LEU A 62 19.94 -14.41 -6.58
CA LEU A 62 21.21 -13.70 -6.64
C LEU A 62 22.43 -14.58 -6.29
N THR A 63 22.18 -15.71 -5.64
CA THR A 63 23.25 -16.62 -5.26
C THR A 63 23.85 -17.37 -6.45
N THR A 64 23.08 -17.51 -7.52
CA THR A 64 23.53 -18.24 -8.71
C THR A 64 23.30 -17.47 -10.00
N LYS A 65 22.53 -16.39 -9.90
CA LYS A 65 22.10 -15.66 -11.09
C LYS A 65 22.45 -14.19 -10.95
N ASP A 66 22.69 -13.54 -12.09
CA ASP A 66 22.96 -12.10 -12.16
C ASP A 66 24.05 -11.63 -11.19
N LEU A 67 25.27 -12.10 -11.44
CA LEU A 67 26.39 -11.82 -10.55
C LEU A 67 26.93 -10.41 -10.79
N PRO A 68 27.60 -9.83 -9.77
CA PRO A 68 28.11 -8.47 -9.92
C PRO A 68 29.08 -8.34 -11.09
N ASP A 69 28.80 -7.38 -11.96
CA ASP A 69 29.63 -7.07 -13.12
C ASP A 69 31.00 -6.54 -12.67
N THR A 70 31.98 -7.43 -12.60
CA THR A 70 33.31 -7.08 -12.09
C THR A 70 34.15 -6.24 -13.07
N SER A 71 33.63 -5.99 -14.26
CA SER A 71 34.37 -5.25 -15.27
C SER A 71 33.81 -3.85 -15.44
N GLN A 72 32.92 -3.48 -14.52
CA GLN A 72 32.15 -2.25 -14.66
C GLN A 72 32.89 -1.03 -14.13
N GLY A 73 33.80 -1.25 -13.20
CA GLY A 73 34.50 -0.16 -12.55
C GLY A 73 33.68 0.47 -11.43
N PHE A 74 34.35 1.22 -10.58
CA PHE A 74 33.70 1.92 -9.47
C PHE A 74 34.15 3.38 -9.45
N ASP A 75 33.25 4.28 -9.87
CA ASP A 75 33.61 5.69 -10.07
C ASP A 75 33.50 6.59 -8.82
N ALA A 76 33.59 7.90 -9.04
CA ALA A 76 33.62 8.89 -7.97
C ALA A 76 32.24 9.20 -7.40
N ASN A 77 31.19 8.78 -8.10
CA ASN A 77 29.84 8.86 -7.56
C ASN A 77 29.56 7.69 -6.62
N PHE A 78 30.61 6.95 -6.28
CA PHE A 78 30.50 5.73 -5.50
C PHE A 78 29.46 4.77 -6.09
N THR A 79 29.53 4.57 -7.40
CA THR A 79 28.66 3.62 -8.08
C THR A 79 29.45 2.62 -8.91
N GLY A 80 28.84 1.47 -9.18
CA GLY A 80 29.49 0.43 -9.95
C GLY A 80 29.77 -0.81 -9.11
N THR A 81 30.86 -1.49 -9.41
CA THR A 81 31.23 -2.70 -8.69
C THR A 81 32.59 -2.54 -8.03
N LEU A 82 32.66 -2.87 -6.74
CA LEU A 82 33.88 -2.66 -5.97
C LEU A 82 34.29 -3.93 -5.23
N PRO A 83 35.44 -4.48 -5.58
CA PRO A 83 35.97 -5.63 -4.85
C PRO A 83 36.46 -5.26 -3.45
N LEU A 84 35.96 -5.93 -2.43
CA LEU A 84 36.42 -5.69 -1.06
C LEU A 84 37.25 -6.88 -0.56
N GLU A 85 37.73 -6.78 0.67
CA GLU A 85 38.50 -7.86 1.29
C GLU A 85 37.64 -9.09 1.55
N ASP A 86 38.29 -10.24 1.70
CA ASP A 86 37.64 -11.50 2.04
C ASP A 86 36.58 -11.94 1.03
N ASP A 87 36.91 -11.79 -0.25
CA ASP A 87 36.05 -12.20 -1.37
C ASP A 87 34.62 -11.68 -1.27
N VAL A 88 34.47 -10.44 -0.84
CA VAL A 88 33.18 -9.77 -0.85
C VAL A 88 33.17 -8.68 -1.93
N TRP A 89 32.11 -8.65 -2.72
CA TRP A 89 31.97 -7.62 -3.76
C TRP A 89 30.85 -6.65 -3.41
N LEU A 90 31.11 -5.35 -3.60
CA LEU A 90 30.07 -4.34 -3.43
C LEU A 90 29.55 -3.83 -4.78
N GLU A 91 28.23 -3.81 -4.93
CA GLU A 91 27.61 -3.21 -6.10
C GLU A 91 26.68 -2.08 -5.65
N GLN A 92 26.74 -0.95 -6.34
CA GLN A 92 25.99 0.22 -5.89
C GLN A 92 25.57 1.15 -7.02
N TYR A 93 24.34 1.65 -6.90
CA TYR A 93 23.80 2.58 -7.88
C TYR A 93 23.10 3.73 -7.17
N ILE A 94 23.24 4.93 -7.74
CA ILE A 94 22.60 6.12 -7.20
C ILE A 94 21.79 6.80 -8.30
N PHE A 95 20.52 7.06 -8.03
CA PHE A 95 19.64 7.71 -8.98
C PHE A 95 19.13 9.02 -8.41
N ASP A 96 19.04 10.05 -9.26
CA ASP A 96 18.52 11.33 -8.80
C ASP A 96 17.58 11.93 -9.85
N THR A 97 16.52 12.59 -9.39
CA THR A 97 15.53 13.18 -10.28
C THR A 97 16.04 14.43 -10.99
N ASP A 98 16.83 15.22 -10.27
CA ASP A 98 17.31 16.51 -10.77
C ASP A 98 18.09 16.34 -12.07
N PRO A 99 17.60 16.95 -13.15
CA PRO A 99 18.23 16.89 -14.48
C PRO A 99 19.62 17.53 -14.50
N GLN A 100 19.89 18.41 -13.53
CA GLN A 100 21.18 19.08 -13.43
C GLN A 100 22.27 18.14 -12.92
N LEU A 101 21.86 17.00 -12.37
CA LEU A 101 22.82 16.05 -11.81
C LEU A 101 23.17 14.97 -12.83
N ARG A 102 24.42 14.53 -12.80
CA ARG A 102 24.87 13.49 -13.73
C ARG A 102 25.22 12.21 -12.97
N PHE A 103 24.20 11.43 -12.66
CA PHE A 103 24.41 10.08 -12.15
C PHE A 103 23.87 9.13 -13.21
N ASP A 104 24.71 8.86 -14.21
CA ASP A 104 24.23 8.18 -15.42
C ASP A 104 24.43 6.67 -15.43
N ARG A 105 25.10 6.14 -14.41
CA ARG A 105 25.36 4.71 -14.41
C ARG A 105 24.05 3.96 -14.19
N LYS A 106 23.50 3.45 -15.29
CA LYS A 106 22.24 2.74 -15.27
C LYS A 106 22.44 1.34 -14.72
N CYS A 107 21.49 0.88 -13.91
CA CYS A 107 21.53 -0.48 -13.37
C CYS A 107 21.06 -1.49 -14.41
N ARG A 108 21.98 -2.35 -14.85
CA ARG A 108 21.65 -3.33 -15.88
CA ARG A 108 21.68 -3.34 -15.88
C ARG A 108 21.38 -4.71 -15.29
N ASN A 109 21.49 -4.82 -13.97
CA ASN A 109 21.24 -6.08 -13.28
C ASN A 109 19.75 -6.30 -13.10
N GLU A 110 19.19 -7.20 -13.90
CA GLU A 110 17.74 -7.42 -13.93
C GLU A 110 17.11 -7.80 -12.59
N SER A 111 17.83 -8.61 -11.81
CA SER A 111 17.36 -8.98 -10.47
C SER A 111 17.30 -7.77 -9.54
N LEU A 112 18.38 -6.98 -9.55
CA LEU A 112 18.47 -5.76 -8.74
C LEU A 112 17.43 -4.73 -9.15
N CYS A 113 17.10 -4.68 -10.44
CA CYS A 113 16.08 -3.77 -10.91
C CYS A 113 14.72 -4.16 -10.38
N SER A 114 14.44 -5.46 -10.39
CA SER A 114 13.18 -5.98 -9.89
C SER A 114 13.07 -5.75 -8.38
N ILE A 115 14.16 -6.01 -7.67
CA ILE A 115 14.22 -5.75 -6.24
C ILE A 115 14.01 -4.27 -5.93
N TYR A 116 14.60 -3.41 -6.76
CA TYR A 116 14.52 -1.97 -6.57
C TYR A 116 13.09 -1.44 -6.66
N SER A 117 12.36 -1.83 -7.70
CA SER A 117 11.03 -1.28 -7.95
C SER A 117 10.05 -1.62 -6.83
N ARG A 118 10.25 -2.77 -6.20
CA ARG A 118 9.40 -3.16 -5.09
C ARG A 118 9.78 -2.39 -3.82
N LEU A 119 11.08 -2.28 -3.56
CA LEU A 119 11.58 -1.52 -2.43
C LEU A 119 11.33 -0.02 -2.60
N PHE A 120 11.18 0.42 -3.84
CA PHE A 120 11.03 1.85 -4.11
C PHE A 120 9.67 2.39 -3.70
N LYS A 121 8.62 1.81 -4.29
CA LYS A 121 7.25 2.19 -3.95
C LYS A 121 7.04 2.12 -2.44
N LEU A 122 7.56 1.06 -1.84
CA LEU A 122 7.46 0.85 -0.40
C LEU A 122 8.20 1.94 0.37
N GLY A 123 9.48 2.14 0.04
CA GLY A 123 10.31 3.10 0.72
C GLY A 123 9.80 4.53 0.61
N LEU A 124 9.37 4.90 -0.59
CA LEU A 124 8.85 6.23 -0.86
C LEU A 124 7.60 6.52 -0.04
N PHE A 125 6.72 5.53 0.04
CA PHE A 125 5.47 5.65 0.79
C PHE A 125 5.75 5.91 2.27
N PHE A 126 6.63 5.11 2.86
CA PHE A 126 6.97 5.28 4.27
C PHE A 126 7.89 6.47 4.52
N ALA A 127 8.58 6.93 3.47
CA ALA A 127 9.44 8.10 3.60
C ALA A 127 8.57 9.34 3.75
N GLN A 128 7.51 9.41 2.95
CA GLN A 128 6.56 10.50 3.02
C GLN A 128 5.83 10.51 4.36
N LEU A 129 5.58 9.32 4.90
CA LEU A 129 4.95 9.19 6.20
C LEU A 129 5.85 9.70 7.31
N CYS A 130 7.13 9.35 7.25
CA CYS A 130 8.11 9.78 8.25
C CYS A 130 8.26 11.29 8.28
N VAL A 131 8.29 11.91 7.10
CA VAL A 131 8.43 13.35 7.00
C VAL A 131 7.20 14.04 7.57
N LYS A 132 6.03 13.51 7.22
CA LYS A 132 4.76 14.05 7.70
C LYS A 132 4.57 13.75 9.19
N SER A 133 5.37 12.81 9.68
CA SER A 133 5.29 12.35 11.06
C SER A 133 6.03 13.24 12.04
N VAL A 134 7.24 13.65 11.70
CA VAL A 134 8.07 14.34 12.67
C VAL A 134 8.73 15.62 12.13
N VAL A 135 8.34 16.07 10.94
CA VAL A 135 8.90 17.31 10.37
C VAL A 135 7.83 18.35 10.17
N SER A 136 8.01 19.54 10.77
CA SER A 136 6.98 20.57 10.80
C SER A 136 6.84 21.42 9.53
N SER A 137 7.97 21.85 8.97
CA SER A 137 7.95 22.74 7.80
C SER A 137 7.10 22.21 6.65
N ALA A 138 6.31 23.08 6.04
CA ALA A 138 5.40 22.68 4.97
C ALA A 138 6.15 22.59 3.64
N GLU A 139 7.27 23.30 3.56
CA GLU A 139 8.11 23.26 2.37
C GLU A 139 8.79 21.89 2.29
N LEU A 140 9.08 21.33 3.46
CA LEU A 140 9.75 20.03 3.54
C LEU A 140 8.75 18.88 3.47
N GLN A 141 7.46 19.21 3.44
CA GLN A 141 6.41 18.20 3.40
C GLN A 141 6.32 17.53 2.04
N ASP A 142 6.79 18.23 1.01
CA ASP A 142 6.68 17.74 -0.36
C ASP A 142 8.05 17.54 -0.99
N CYS A 143 9.11 17.65 -0.17
CA CYS A 143 10.47 17.48 -0.64
C CYS A 143 10.67 16.12 -1.30
N ILE A 144 10.09 15.08 -0.70
CA ILE A 144 10.17 13.75 -1.28
C ILE A 144 8.84 13.36 -1.91
N SER A 145 8.87 13.13 -3.22
CA SER A 145 7.67 12.76 -3.96
C SER A 145 8.07 11.93 -5.17
N THR A 146 7.08 11.52 -5.97
CA THR A 146 7.33 10.70 -7.15
C THR A 146 8.14 11.48 -8.20
N SER A 147 8.26 12.79 -8.01
CA SER A 147 8.96 13.65 -8.94
C SER A 147 10.21 14.28 -8.35
N HIS A 148 10.45 14.02 -7.07
CA HIS A 148 11.63 14.56 -6.40
C HIS A 148 12.21 13.55 -5.41
N TYR A 149 13.32 12.92 -5.77
CA TYR A 149 13.96 11.95 -4.88
C TYR A 149 15.39 11.60 -5.29
N ALA A 150 16.10 10.94 -4.38
CA ALA A 150 17.40 10.36 -4.67
C ALA A 150 17.50 9.00 -3.98
N THR A 151 17.93 7.97 -4.71
CA THR A 151 18.03 6.64 -4.13
C THR A 151 19.44 6.07 -4.17
N LYS A 152 19.75 5.21 -3.21
CA LYS A 152 20.98 4.44 -3.23
C LYS A 152 20.69 2.96 -3.03
N LEU A 153 20.83 2.20 -4.11
CA LEU A 153 20.68 0.75 -4.06
C LEU A 153 22.04 0.11 -3.80
N THR A 154 22.17 -0.61 -2.69
CA THR A 154 23.44 -1.23 -2.33
C THR A 154 23.31 -2.75 -2.21
N ARG A 155 24.21 -3.47 -2.88
CA ARG A 155 24.24 -4.92 -2.82
C ARG A 155 25.62 -5.43 -2.43
N TYR A 156 25.68 -6.27 -1.41
CA TYR A 156 26.90 -6.98 -1.08
C TYR A 156 26.82 -8.40 -1.66
N PHE A 157 27.92 -8.88 -2.22
CA PHE A 157 27.94 -10.24 -2.76
C PHE A 157 29.06 -11.08 -2.18
N ASN A 158 28.69 -12.24 -1.66
CA ASN A 158 29.63 -13.21 -1.09
C ASN A 158 29.76 -14.46 -1.92
N ASP A 159 31.00 -14.84 -2.21
CA ASP A 159 31.30 -16.03 -2.98
C ASP A 159 30.80 -17.25 -2.19
N ASN A 160 30.75 -17.07 -0.86
CA ASN A 160 30.48 -18.07 0.19
C ASN A 160 31.80 -18.57 0.77
N ASP A 187 32.58 -10.61 11.44
CA ASP A 187 32.93 -9.23 11.74
C ASP A 187 31.90 -8.28 11.12
N TYR A 188 31.72 -7.12 11.75
CA TYR A 188 30.62 -6.23 11.39
C TYR A 188 31.08 -4.87 10.90
N VAL A 189 30.34 -4.30 9.95
CA VAL A 189 30.59 -2.96 9.46
C VAL A 189 29.62 -1.97 10.10
N THR A 190 30.14 -0.99 10.82
CA THR A 190 29.30 0.05 11.42
C THR A 190 29.15 1.24 10.49
N PHE A 191 27.92 1.74 10.36
CA PHE A 191 27.69 2.90 9.53
C PHE A 191 26.43 3.64 9.96
N LEU A 192 26.40 4.93 9.69
CA LEU A 192 25.27 5.78 10.05
C LEU A 192 24.64 6.34 8.79
N PRO A 193 23.49 5.79 8.38
CA PRO A 193 22.79 6.24 7.17
C PRO A 193 22.40 7.72 7.27
N THR A 194 22.41 8.43 6.14
CA THR A 194 22.26 9.87 6.15
C THR A 194 20.96 10.33 5.51
N GLY A 195 20.22 9.39 4.92
CA GLY A 195 18.98 9.70 4.26
C GLY A 195 17.79 9.88 5.19
N VAL A 196 16.61 9.97 4.59
CA VAL A 196 15.38 9.99 5.36
C VAL A 196 15.08 8.59 5.88
N LEU A 197 15.09 7.62 4.97
CA LEU A 197 14.74 6.26 5.33
C LEU A 197 15.60 5.28 4.52
N THR A 198 16.10 4.25 5.18
CA THR A 198 16.79 3.17 4.49
C THR A 198 16.15 1.83 4.85
N ILE A 199 15.87 1.03 3.83
CA ILE A 199 15.10 -0.19 4.01
C ILE A 199 15.81 -1.47 3.54
N PHE A 200 15.79 -2.50 4.37
CA PHE A 200 16.35 -3.80 4.02
C PHE A 200 15.23 -4.80 3.73
N PRO A 201 15.34 -5.53 2.61
CA PRO A 201 14.33 -6.51 2.20
C PRO A 201 14.36 -7.76 3.08
N CYS A 202 15.37 -7.86 3.93
CA CYS A 202 15.49 -9.01 4.81
C CYS A 202 16.07 -8.60 6.15
N ALA A 203 15.30 -8.82 7.22
CA ALA A 203 15.72 -8.44 8.56
C ALA A 203 16.62 -9.51 9.15
N LYS A 204 17.83 -9.61 8.60
CA LYS A 204 18.80 -10.62 9.03
C LYS A 204 20.22 -10.10 8.90
N ALA A 205 21.10 -10.56 9.80
CA ALA A 205 22.51 -10.19 9.82
C ALA A 205 22.69 -8.68 9.95
N ILE A 206 21.82 -8.06 10.72
CA ILE A 206 21.89 -6.63 11.00
C ILE A 206 21.82 -6.42 12.50
N ARG A 207 22.62 -5.50 13.02
CA ARG A 207 22.56 -5.18 14.44
C ARG A 207 22.28 -3.71 14.65
N TYR A 208 21.58 -3.41 15.74
CA TYR A 208 21.20 -2.06 16.08
C TYR A 208 21.44 -1.82 17.57
N LYS A 209 21.31 -0.57 18.00
CA LYS A 209 21.42 -0.25 19.42
C LYS A 209 20.08 0.28 19.92
N PRO A 210 19.46 -0.47 20.83
CA PRO A 210 18.11 -0.18 21.36
C PRO A 210 17.97 1.15 22.09
N SER A 211 19.03 1.59 22.77
CA SER A 211 19.00 2.77 23.65
C SER A 211 18.02 2.59 24.81
N ASN A 218 23.33 0.17 24.61
CA ASN A 218 24.66 0.13 25.22
C ASN A 218 25.55 -0.93 24.59
N SER A 219 24.90 -1.94 24.02
CA SER A 219 25.55 -3.05 23.33
C SER A 219 24.70 -3.45 22.13
N TRP A 220 25.34 -3.88 21.04
CA TRP A 220 24.61 -4.18 19.82
C TRP A 220 23.69 -5.40 19.97
N VAL A 221 22.54 -5.34 19.30
CA VAL A 221 21.57 -6.42 19.33
C VAL A 221 21.27 -6.94 17.92
N SER A 222 21.39 -8.25 17.74
CA SER A 222 21.16 -8.86 16.43
C SER A 222 19.68 -8.90 16.10
N ILE A 223 19.37 -8.86 14.81
CA ILE A 223 17.98 -8.96 14.36
C ILE A 223 17.81 -10.14 13.41
N ASP A 224 16.89 -11.04 13.74
CA ASP A 224 16.62 -12.22 12.93
C ASP A 224 15.12 -12.43 12.74
N GLU A 225 14.53 -11.68 11.80
CA GLU A 225 13.11 -11.78 11.51
C GLU A 225 12.89 -12.03 10.03
N PRO A 226 13.04 -13.30 9.61
CA PRO A 226 13.09 -13.69 8.20
C PRO A 226 11.86 -13.29 7.39
N ASP A 227 10.72 -13.14 8.06
CA ASP A 227 9.48 -12.76 7.38
C ASP A 227 9.25 -11.25 7.36
N CYS A 228 10.19 -10.49 7.92
CA CYS A 228 10.05 -9.04 7.97
C CYS A 228 11.05 -8.28 7.12
N LEU A 229 10.66 -7.09 6.66
CA LEU A 229 11.61 -6.13 6.13
C LEU A 229 12.08 -5.26 7.28
N LEU A 230 13.29 -4.73 7.18
CA LEU A 230 13.79 -3.85 8.23
C LEU A 230 13.85 -2.40 7.73
N PHE A 231 13.38 -1.48 8.57
CA PHE A 231 13.40 -0.06 8.28
C PHE A 231 14.29 0.68 9.28
N HIS A 232 15.07 1.62 8.78
CA HIS A 232 15.89 2.45 9.66
C HIS A 232 15.94 3.88 9.16
N THR A 233 15.86 4.84 10.07
CA THR A 233 15.86 6.24 9.69
C THR A 233 17.28 6.79 9.72
N GLY A 234 17.56 7.77 8.88
CA GLY A 234 18.90 8.33 8.78
C GLY A 234 19.02 9.69 9.44
N THR A 235 20.20 10.29 9.30
CA THR A 235 20.50 11.56 9.97
C THR A 235 19.68 12.73 9.45
N LEU A 236 19.20 12.64 8.21
CA LEU A 236 18.41 13.72 7.64
C LEU A 236 17.09 13.92 8.37
N LEU A 237 16.40 12.83 8.67
CA LEU A 237 15.12 12.89 9.35
C LEU A 237 15.27 13.43 10.76
N ALA A 238 16.32 13.02 11.45
CA ALA A 238 16.57 13.47 12.81
C ALA A 238 16.83 14.97 12.87
N ARG A 239 17.67 15.46 11.96
CA ARG A 239 18.01 16.88 11.90
C ARG A 239 16.76 17.70 11.60
N TRP A 240 15.95 17.24 10.66
CA TRP A 240 14.72 17.92 10.27
C TRP A 240 13.58 17.73 11.28
N SER A 241 13.79 16.89 12.27
CA SER A 241 12.77 16.66 13.29
C SER A 241 12.83 17.74 14.39
N GLN A 242 13.93 18.47 14.41
CA GLN A 242 14.15 19.55 15.36
C GLN A 242 13.96 19.10 16.81
N GLY A 243 14.44 17.88 17.10
CA GLY A 243 14.40 17.37 18.46
C GLY A 243 13.52 16.14 18.67
N MSE A 244 12.45 16.03 17.89
CA MSE A 244 11.48 14.96 18.07
C MSE A 244 12.06 13.57 17.84
O MSE A 244 11.76 12.63 18.58
CB MSE A 244 10.26 15.15 17.16
CG MSE A 244 9.18 16.04 17.73
SE MSE A 244 7.73 16.42 16.47
CE MSE A 244 6.92 14.65 16.33
N HIS A 245 12.89 13.44 16.82
CA HIS A 245 13.43 12.14 16.43
C HIS A 245 14.95 12.11 16.46
N THR A 246 15.49 10.99 16.93
CA THR A 246 16.93 10.75 16.89
C THR A 246 17.21 9.37 16.32
N THR A 247 18.32 9.26 15.58
CA THR A 247 18.68 7.97 15.00
C THR A 247 20.02 7.48 15.54
N SER A 248 20.45 6.32 15.08
CA SER A 248 21.65 5.68 15.59
C SER A 248 22.25 4.77 14.51
N PRO A 249 23.55 4.46 14.62
CA PRO A 249 24.18 3.67 13.55
C PRO A 249 23.77 2.20 13.53
N LEU A 250 23.87 1.58 12.35
CA LEU A 250 23.64 0.15 12.23
C LEU A 250 24.94 -0.62 12.04
N GLN A 251 24.86 -1.92 12.27
CA GLN A 251 25.94 -2.83 11.92
C GLN A 251 25.38 -3.85 10.95
N ILE A 252 26.13 -4.13 9.89
CA ILE A 252 25.74 -5.16 8.94
C ILE A 252 26.86 -6.16 8.74
N ASP A 253 26.48 -7.38 8.35
CA ASP A 253 27.45 -8.40 8.03
C ASP A 253 27.66 -8.37 6.52
N PRO A 254 28.86 -7.94 6.08
CA PRO A 254 29.14 -7.78 4.66
C PRO A 254 29.15 -9.12 3.92
N ARG A 255 29.30 -10.21 4.66
CA ARG A 255 29.38 -11.53 4.05
C ARG A 255 28.00 -12.17 3.91
N ALA A 256 26.95 -11.43 4.25
CA ALA A 256 25.61 -12.03 4.31
C ALA A 256 24.71 -11.59 3.15
N ASN A 257 25.33 -11.11 2.08
CA ASN A 257 24.62 -10.74 0.85
C ASN A 257 23.48 -9.73 1.07
N ILE A 258 23.72 -8.76 1.94
CA ILE A 258 22.71 -7.77 2.27
C ILE A 258 22.44 -6.79 1.14
N VAL A 259 21.16 -6.50 0.92
CA VAL A 259 20.73 -5.49 -0.04
C VAL A 259 20.00 -4.38 0.73
N SER A 260 20.09 -3.14 0.26
CA SER A 260 19.41 -2.04 0.91
C SER A 260 19.07 -0.92 -0.06
N LEU A 261 17.99 -0.21 0.24
CA LEU A 261 17.61 0.97 -0.51
C LEU A 261 17.49 2.16 0.43
N THR A 262 18.17 3.26 0.09
CA THR A 262 18.08 4.49 0.87
C THR A 262 17.38 5.58 0.07
N ILE A 263 16.48 6.31 0.73
CA ILE A 263 15.72 7.37 0.07
C ILE A 263 16.14 8.76 0.57
N TRP A 264 16.28 9.68 -0.37
CA TRP A 264 16.56 11.09 -0.07
C TRP A 264 15.57 11.97 -0.82
N PRO A 265 15.44 13.24 -0.40
CA PRO A 265 14.98 14.26 -1.33
C PRO A 265 16.13 14.52 -2.31
N PRO A 266 15.88 15.25 -3.41
CA PRO A 266 16.98 15.51 -4.36
C PRO A 266 18.26 15.96 -3.67
N LEU A 267 19.40 15.47 -4.13
CA LEU A 267 20.68 15.69 -3.46
C LEU A 267 21.09 17.16 -3.38
N THR A 268 20.55 18.00 -4.27
CA THR A 268 20.90 19.41 -4.29
C THR A 268 20.14 20.21 -3.23
N THR A 269 19.20 19.55 -2.55
CA THR A 269 18.42 20.20 -1.50
C THR A 269 19.29 20.71 -0.36
N PRO A 270 19.12 22.00 -0.01
CA PRO A 270 19.83 22.67 1.08
C PRO A 270 19.29 22.29 2.45
N ILE A 271 20.17 22.12 3.43
CA ILE A 271 19.75 21.96 4.81
C ILE A 271 19.76 23.29 5.55
N THR A 278 23.33 20.55 0.37
CA THR A 278 24.46 20.08 1.16
C THR A 278 24.18 18.68 1.73
N ILE A 279 23.13 18.05 1.24
CA ILE A 279 22.88 16.63 1.49
C ILE A 279 24.06 15.83 0.92
N ALA A 280 24.48 16.22 -0.27
CA ALA A 280 25.58 15.57 -0.98
C ALA A 280 26.86 15.57 -0.13
N ASN A 281 27.05 16.60 0.68
CA ASN A 281 28.21 16.67 1.55
C ASN A 281 28.17 15.57 2.59
N HIS A 282 26.98 15.30 3.11
CA HIS A 282 26.79 14.26 4.12
C HIS A 282 26.91 12.86 3.52
N LEU A 283 26.37 12.69 2.31
CA LEU A 283 26.50 11.42 1.60
C LEU A 283 27.96 11.14 1.32
N LEU A 284 28.67 12.12 0.78
CA LEU A 284 30.08 11.98 0.45
C LEU A 284 30.89 11.59 1.68
N GLU A 285 30.68 12.29 2.78
CA GLU A 285 31.41 11.99 4.01
C GLU A 285 31.12 10.57 4.47
N GLN A 286 29.88 10.14 4.32
CA GLN A 286 29.48 8.81 4.74
C GLN A 286 30.08 7.72 3.84
N GLN A 287 30.07 7.94 2.53
CA GLN A 287 30.67 7.00 1.58
C GLN A 287 32.20 6.94 1.76
N ILE A 288 32.80 8.07 2.12
CA ILE A 288 34.23 8.12 2.37
C ILE A 288 34.60 7.31 3.60
N LYS A 289 33.79 7.42 4.66
CA LYS A 289 34.00 6.64 5.87
C LYS A 289 33.84 5.15 5.61
N ALA A 290 32.93 4.80 4.70
CA ALA A 290 32.62 3.41 4.39
C ALA A 290 33.71 2.77 3.53
N PHE A 291 34.20 3.53 2.57
CA PHE A 291 35.16 3.02 1.59
C PHE A 291 36.38 3.93 1.48
N PRO A 292 37.28 3.84 2.47
CA PRO A 292 38.46 4.71 2.58
C PRO A 292 39.46 4.55 1.44
N LYS A 293 39.49 3.37 0.82
CA LYS A 293 40.43 3.12 -0.26
C LYS A 293 40.00 3.80 -1.55
N VAL A 294 38.69 3.75 -1.83
CA VAL A 294 38.11 4.49 -2.93
C VAL A 294 38.26 5.98 -2.70
N ALA A 295 38.12 6.38 -1.45
CA ALA A 295 38.18 7.79 -1.07
C ALA A 295 39.59 8.32 -1.30
N GLN A 296 40.59 7.49 -1.03
CA GLN A 296 41.98 7.85 -1.27
C GLN A 296 42.22 8.13 -2.75
N GLN A 297 41.46 7.46 -3.61
CA GLN A 297 41.60 7.61 -5.05
C GLN A 297 40.87 8.85 -5.60
N TYR A 298 39.69 9.14 -5.08
CA TYR A 298 38.85 10.18 -5.69
C TYR A 298 38.66 11.41 -4.81
N TYR A 299 38.86 11.26 -3.51
CA TYR A 299 38.67 12.37 -2.59
C TYR A 299 39.76 12.39 -1.52
N PRO A 300 41.04 12.44 -1.93
CA PRO A 300 42.10 12.32 -0.93
C PRO A 300 42.14 13.49 0.06
N ARG A 301 41.69 14.67 -0.35
CA ARG A 301 41.71 15.82 0.55
C ARG A 301 40.59 15.71 1.58
N GLU A 302 39.38 15.43 1.11
CA GLU A 302 38.22 15.23 1.99
C GLU A 302 38.51 14.13 3.01
N LEU A 303 39.20 13.09 2.58
CA LEU A 303 39.56 11.99 3.45
C LEU A 303 40.56 12.42 4.51
N SER A 304 41.60 13.14 4.08
CA SER A 304 42.65 13.61 4.97
C SER A 304 42.13 14.64 5.98
N ILE A 305 41.18 15.45 5.56
CA ILE A 305 40.58 16.42 6.44
C ILE A 305 39.80 15.71 7.55
N LEU A 306 39.08 14.66 7.17
CA LEU A 306 38.32 13.85 8.11
C LEU A 306 39.23 13.22 9.17
N ARG A 307 40.39 12.74 8.74
CA ARG A 307 41.36 12.17 9.66
C ARG A 307 41.92 13.23 10.61
N LEU A 308 42.09 14.44 10.09
CA LEU A 308 42.60 15.55 10.87
C LEU A 308 41.61 15.96 11.96
N GLN A 309 40.33 15.91 11.63
CA GLN A 309 39.27 16.25 12.57
C GLN A 309 39.31 15.33 13.79
N ASP A 310 39.60 14.04 13.56
CA ASP A 310 39.75 13.09 14.65
C ASP A 310 40.97 13.46 15.50
N ALA A 311 42.02 13.93 14.84
CA ALA A 311 43.23 14.36 15.52
C ALA A 311 42.99 15.60 16.40
N MSE A 312 42.14 16.51 15.92
CA MSE A 312 41.76 17.69 16.70
C MSE A 312 40.95 17.29 17.93
O MSE A 312 41.20 17.77 19.04
CB MSE A 312 40.95 18.67 15.85
CG MSE A 312 41.68 19.26 14.65
SE MSE A 312 43.50 19.89 15.01
CE MSE A 312 44.46 18.33 14.38
N LYS A 313 39.96 16.42 17.73
CA LYS A 313 39.17 15.87 18.83
C LYS A 313 40.07 15.21 19.86
N PHE A 314 41.10 14.52 19.37
CA PHE A 314 42.05 13.84 20.22
C PHE A 314 42.82 14.80 21.13
N VAL A 315 43.44 15.83 20.55
CA VAL A 315 44.28 16.74 21.34
C VAL A 315 43.46 17.62 22.28
N LYS A 316 42.24 17.97 21.89
CA LYS A 316 41.37 18.76 22.75
C LYS A 316 41.00 17.95 23.99
N GLU A 317 40.54 16.73 23.80
CA GLU A 317 40.21 15.84 24.91
C GLU A 317 41.45 15.51 25.72
N LEU A 318 42.59 15.40 25.03
CA LEU A 318 43.86 15.16 25.70
C LEU A 318 44.24 16.33 26.61
N PHE A 319 43.90 17.54 26.20
CA PHE A 319 44.24 18.71 26.99
C PHE A 319 43.46 18.77 28.30
N THR A 320 42.15 18.54 28.22
CA THR A 320 41.31 18.60 29.42
C THR A 320 41.65 17.44 30.38
N VAL A 321 41.96 16.28 29.82
CA VAL A 321 42.38 15.14 30.63
C VAL A 321 43.71 15.46 31.32
N CYS A 322 44.62 16.09 30.60
CA CYS A 322 45.91 16.50 31.17
C CYS A 322 45.73 17.52 32.29
N GLU A 323 44.71 18.37 32.15
CA GLU A 323 44.43 19.38 33.16
C GLU A 323 44.01 18.72 34.46
N THR A 324 43.11 17.76 34.34
CA THR A 324 42.59 17.02 35.49
C THR A 324 43.70 16.27 36.20
N VAL A 325 44.51 15.56 35.43
CA VAL A 325 45.57 14.72 35.98
C VAL A 325 46.64 15.54 36.70
N LEU A 326 47.05 16.65 36.09
CA LEU A 326 48.07 17.51 36.69
C LEU A 326 47.60 18.23 37.94
N SER A 327 46.32 18.58 37.99
CA SER A 327 45.78 19.26 39.17
C SER A 327 45.74 18.33 40.37
N LEU A 328 45.27 17.11 40.15
CA LEU A 328 45.17 16.12 41.22
C LEU A 328 46.52 15.73 41.81
N ASN A 329 47.55 15.76 40.96
CA ASN A 329 48.89 15.38 41.36
C ASN A 329 49.62 16.53 42.08
N ALA A 330 49.26 17.76 41.70
CA ALA A 330 49.89 18.97 42.22
C ALA A 330 49.50 19.25 43.68
N LEU A 331 48.63 18.42 44.23
CA LEU A 331 48.17 18.60 45.60
C LEU A 331 49.25 18.29 46.63
N SER A 332 50.27 17.53 46.22
CA SER A 332 51.36 17.18 47.12
C SER A 332 52.50 18.21 47.07
N GLY A 336 56.77 21.06 44.90
CA GLY A 336 58.22 21.16 44.95
C GLY A 336 58.88 20.79 43.64
N VAL A 337 58.94 19.51 43.35
CA VAL A 337 59.55 19.01 42.12
C VAL A 337 58.47 18.51 41.16
N PRO A 338 58.48 19.02 39.91
CA PRO A 338 57.46 18.63 38.93
C PRO A 338 57.53 17.14 38.61
N PRO A 339 56.36 16.51 38.39
CA PRO A 339 56.28 15.07 38.12
C PRO A 339 56.83 14.67 36.75
N GLU A 340 57.39 13.47 36.67
CA GLU A 340 57.87 12.93 35.40
C GLU A 340 56.69 12.41 34.58
N LEU A 341 56.77 12.61 33.27
CA LEU A 341 55.62 12.40 32.39
C LEU A 341 55.14 10.94 32.30
N HIS A 342 56.05 9.97 32.29
CA HIS A 342 55.64 8.57 32.17
C HIS A 342 54.94 8.07 33.44
N VAL A 343 55.11 8.79 34.53
CA VAL A 343 54.40 8.50 35.77
C VAL A 343 52.90 8.82 35.60
N LEU A 344 52.62 9.91 34.89
CA LEU A 344 51.24 10.39 34.71
C LEU A 344 50.52 9.72 33.53
N LEU A 345 51.29 9.16 32.60
CA LEU A 345 50.73 8.57 31.38
C LEU A 345 49.70 7.43 31.57
N PRO A 346 49.95 6.47 32.49
CA PRO A 346 48.95 5.40 32.67
C PRO A 346 47.58 5.96 33.06
N GLN A 347 47.59 6.93 33.96
CA GLN A 347 46.37 7.58 34.39
C GLN A 347 45.72 8.38 33.27
N ILE A 348 46.56 9.06 32.48
CA ILE A 348 46.10 9.78 31.31
C ILE A 348 45.48 8.82 30.29
N SER A 349 46.12 7.68 30.09
CA SER A 349 45.62 6.66 29.17
C SER A 349 44.26 6.11 29.59
N SER A 350 44.11 5.90 30.90
CA SER A 350 42.86 5.40 31.46
C SER A 350 41.69 6.35 31.19
N MSE A 351 41.92 7.65 31.37
CA MSE A 351 40.88 8.65 31.13
C MSE A 351 40.65 8.87 29.63
O MSE A 351 39.54 9.19 29.21
CB MSE A 351 41.23 9.97 31.82
CG MSE A 351 41.17 9.91 33.35
SE MSE A 351 40.97 11.66 34.21
CE MSE A 351 40.74 11.08 36.05
N MSE A 352 41.70 8.70 28.83
CA MSE A 352 41.58 8.82 27.38
C MSE A 352 41.05 7.54 26.76
O MSE A 352 40.71 7.52 25.57
CB MSE A 352 42.94 9.17 26.77
CG MSE A 352 43.38 10.60 27.03
SE MSE A 352 42.18 11.90 26.22
CE MSE A 352 42.47 11.43 24.34
N LYS A 353 40.97 6.48 27.55
CA LYS A 353 40.53 5.15 27.10
C LYS A 353 41.33 4.62 25.92
N ARG A 354 42.59 5.02 25.83
CA ARG A 354 43.48 4.54 24.78
C ARG A 354 44.92 4.79 25.19
N LYS A 355 45.84 4.13 24.48
CA LYS A 355 47.27 4.26 24.77
C LYS A 355 47.77 5.67 24.49
N ILE A 356 48.36 6.29 25.50
CA ILE A 356 48.92 7.63 25.35
C ILE A 356 50.42 7.63 25.65
N VAL A 357 51.22 8.02 24.67
CA VAL A 357 52.66 8.07 24.85
C VAL A 357 53.16 9.51 25.01
N GLN A 358 54.44 9.63 25.36
CA GLN A 358 55.09 10.93 25.56
C GLN A 358 54.97 11.84 24.35
N ASP A 359 54.90 11.24 23.17
CA ASP A 359 54.79 11.99 21.92
C ASP A 359 53.44 12.71 21.82
N ASP A 360 52.39 12.07 22.35
CA ASP A 360 51.05 12.65 22.33
C ASP A 360 50.96 13.92 23.16
N ILE A 361 51.61 13.92 24.32
CA ILE A 361 51.62 15.10 25.18
C ILE A 361 52.27 16.27 24.47
N LEU A 362 53.34 15.99 23.74
CA LEU A 362 54.09 17.00 23.02
C LEU A 362 53.29 17.59 21.86
N LYS A 363 52.22 16.92 21.45
CA LYS A 363 51.33 17.48 20.44
C LYS A 363 50.66 18.75 20.95
N LEU A 364 50.38 18.80 22.26
CA LEU A 364 49.72 19.96 22.85
C LEU A 364 50.60 21.21 22.74
N LEU A 365 51.90 21.04 22.93
CA LEU A 365 52.82 22.17 22.88
C LEU A 365 52.87 22.80 21.49
N THR A 366 52.57 22.01 20.47
CA THR A 366 52.49 22.53 19.10
C THR A 366 51.32 23.49 18.96
N ILE A 367 50.17 23.08 19.47
CA ILE A 367 48.96 23.90 19.45
C ILE A 367 49.16 25.15 20.31
N TRP A 368 49.83 24.99 21.43
CA TRP A 368 50.07 26.08 22.38
C TRP A 368 51.33 25.82 23.19
N SER A 369 52.39 26.55 22.87
CA SER A 369 53.71 26.31 23.47
C SER A 369 53.80 26.67 24.95
N ASP A 370 52.94 27.59 25.39
CA ASP A 370 52.98 28.05 26.77
C ASP A 370 51.98 27.33 27.67
N ALA A 371 51.31 26.31 27.14
CA ALA A 371 50.33 25.55 27.91
C ALA A 371 50.97 24.91 29.13
N TYR A 372 52.13 24.29 28.95
CA TYR A 372 52.82 23.62 30.03
C TYR A 372 54.31 23.91 30.00
N VAL A 373 54.96 23.78 31.15
CA VAL A 373 56.41 23.85 31.22
C VAL A 373 56.99 22.43 31.18
N VAL A 374 57.51 22.05 30.01
CA VAL A 374 58.06 20.72 29.80
C VAL A 374 59.57 20.78 29.64
N GLU A 375 60.28 20.18 30.59
CA GLU A 375 61.74 20.21 30.61
C GLU A 375 62.33 18.85 30.91
N LEU A 376 63.65 18.73 30.73
CA LEU A 376 64.36 17.53 31.14
C LEU A 376 65.04 17.73 32.49
N ASN A 377 64.72 16.86 33.44
CA ASN A 377 65.32 16.91 34.77
C ASN A 377 66.74 16.38 34.79
N SER A 378 67.34 16.36 35.97
CA SER A 378 68.71 15.87 36.14
C SER A 378 68.83 14.39 35.76
N ARG A 379 67.71 13.67 35.82
CA ARG A 379 67.69 12.25 35.51
C ARG A 379 67.30 11.99 34.05
N GLY A 380 67.38 13.03 33.23
CA GLY A 380 67.10 12.91 31.82
C GLY A 380 65.68 12.44 31.52
N GLU A 381 64.73 12.86 32.35
CA GLU A 381 63.32 12.52 32.12
C GLU A 381 62.51 13.80 31.93
N LEU A 382 61.45 13.71 31.13
CA LEU A 382 60.60 14.87 30.87
C LEU A 382 59.69 15.17 32.07
N THR A 383 59.83 16.37 32.62
CA THR A 383 58.98 16.84 33.71
C THR A 383 57.97 17.85 33.19
N MSE A 384 56.77 17.83 33.73
CA MSE A 384 55.69 18.70 33.25
C MSE A 384 54.94 19.34 34.42
O MSE A 384 54.63 18.68 35.40
CB MSE A 384 54.73 17.88 32.38
CG MSE A 384 53.51 18.65 31.87
SE MSE A 384 52.26 17.48 30.91
CE MSE A 384 51.86 16.21 32.32
N ASN A 385 54.66 20.63 34.29
CA ASN A 385 53.93 21.35 35.32
C ASN A 385 53.30 22.63 34.77
N LEU A 386 52.31 23.16 35.49
CA LEU A 386 51.66 24.40 35.11
C LEU A 386 52.64 25.57 35.23
N PRO A 387 52.50 26.56 34.34
CA PRO A 387 53.35 27.76 34.39
C PRO A 387 53.06 28.61 35.63
N LYS A 388 54.11 29.14 36.26
CA LYS A 388 53.95 30.01 37.41
C LYS A 388 53.70 31.45 36.99
N ARG A 389 54.50 31.92 36.03
CA ARG A 389 54.47 33.31 35.61
C ARG A 389 53.47 33.57 34.48
N ASP A 390 53.10 34.83 34.31
CA ASP A 390 52.13 35.24 33.30
C ASP A 390 52.78 35.76 32.02
N ASN A 391 52.14 35.46 30.89
CA ASN A 391 52.48 36.10 29.63
C ASN A 391 51.32 36.98 29.15
N LEU A 392 51.40 37.47 27.92
CA LEU A 392 50.35 38.31 27.38
C LEU A 392 49.03 37.56 27.29
N THR A 393 49.10 36.26 27.05
CA THR A 393 47.91 35.43 26.89
C THR A 393 47.12 35.29 28.19
N THR A 394 47.80 34.97 29.27
CA THR A 394 47.12 34.72 30.54
C THR A 394 46.77 36.02 31.25
N LEU A 395 47.33 37.13 30.79
CA LEU A 395 46.98 38.45 31.32
C LEU A 395 45.71 39.01 30.68
N THR A 396 45.30 38.44 29.55
CA THR A 396 44.13 38.98 28.85
C THR A 396 43.04 37.93 28.63
N ASN A 397 43.36 36.68 28.94
CA ASN A 397 42.41 35.58 28.80
C ASN A 397 42.54 34.72 30.04
N LYS A 398 41.51 34.72 30.88
CA LYS A 398 41.61 34.08 32.18
C LYS A 398 41.36 32.57 32.09
N SER A 399 40.76 32.13 30.99
CA SER A 399 40.49 30.71 30.76
C SER A 399 41.56 29.98 29.94
N ARG A 400 42.20 28.99 30.54
CA ARG A 400 43.19 28.17 29.86
C ARG A 400 42.59 27.22 28.85
N THR A 401 41.40 26.71 29.15
CA THR A 401 40.72 25.82 28.23
C THR A 401 40.28 26.57 26.97
N LEU A 402 39.64 27.72 27.16
CA LEU A 402 39.22 28.54 26.02
C LEU A 402 40.43 28.94 25.18
N ALA A 403 41.51 29.36 25.83
CA ALA A 403 42.74 29.72 25.13
C ALA A 403 43.20 28.59 24.20
N PHE A 404 43.25 27.38 24.74
CA PHE A 404 43.69 26.22 23.98
C PHE A 404 42.76 25.88 22.80
N VAL A 405 41.47 25.72 23.10
CA VAL A 405 40.50 25.29 22.10
C VAL A 405 40.39 26.29 20.96
N GLU A 406 40.51 27.57 21.30
CA GLU A 406 40.44 28.63 20.31
C GLU A 406 41.66 28.53 19.39
N ARG A 407 42.82 28.32 19.98
CA ARG A 407 44.07 28.23 19.21
C ARG A 407 44.17 26.89 18.47
N ALA A 408 43.43 25.90 18.93
CA ALA A 408 43.37 24.61 18.24
C ALA A 408 42.53 24.71 16.98
N GLU A 409 41.41 25.41 17.07
CA GLU A 409 40.52 25.58 15.93
C GLU A 409 41.19 26.38 14.80
N SER A 410 41.94 27.40 15.18
CA SER A 410 42.60 28.24 14.18
C SER A 410 43.76 27.48 13.53
N TRP A 411 44.44 26.64 14.30
CA TRP A 411 45.50 25.78 13.77
C TRP A 411 44.92 24.83 12.72
N TYR A 412 43.80 24.21 13.05
CA TYR A 412 43.08 23.36 12.13
C TYR A 412 42.66 24.13 10.87
N GLN A 413 42.13 25.33 11.06
CA GLN A 413 41.68 26.16 9.94
C GLN A 413 42.85 26.60 9.08
N GLN A 414 44.00 26.81 9.71
CA GLN A 414 45.22 27.17 9.01
C GLN A 414 45.68 26.03 8.10
N VAL A 415 45.59 24.80 8.58
CA VAL A 415 46.04 23.64 7.82
C VAL A 415 45.19 23.39 6.57
N ILE A 416 43.87 23.48 6.72
CA ILE A 416 42.98 23.16 5.61
C ILE A 416 42.84 24.30 4.62
N ALA A 417 43.21 25.51 5.05
CA ALA A 417 43.21 26.68 4.17
C ALA A 417 44.45 26.71 3.31
N SER A 418 45.53 26.15 3.83
CA SER A 418 46.82 26.25 3.18
C SER A 418 46.86 25.55 1.83
N LYS A 419 47.87 25.91 1.04
CA LYS A 419 48.05 25.36 -0.29
C LYS A 419 49.07 24.22 -0.23
N ASP A 420 49.06 23.49 0.89
CA ASP A 420 50.01 22.42 1.12
C ASP A 420 49.26 21.14 1.41
N GLU A 421 49.91 20.00 1.21
CA GLU A 421 49.30 18.72 1.54
C GLU A 421 48.84 18.67 2.98
N ILE A 422 47.56 18.34 3.17
CA ILE A 422 46.96 18.27 4.49
C ILE A 422 47.57 17.17 5.32
N MSE A 423 48.25 17.54 6.40
CA MSE A 423 48.71 16.55 7.35
C MSE A 423 47.51 16.05 8.15
O MSE A 423 46.54 16.78 8.34
CB MSE A 423 49.77 17.15 8.27
CG MSE A 423 49.34 18.42 8.98
SE MSE A 423 50.85 19.63 9.26
CE MSE A 423 50.82 20.57 7.56
N THR A 424 47.56 14.80 8.59
CA THR A 424 46.41 14.18 9.23
C THR A 424 46.63 13.97 10.74
N ASP A 425 47.61 14.68 11.29
CA ASP A 425 47.88 14.64 12.72
C ASP A 425 48.66 15.86 13.15
N VAL A 426 48.60 16.20 14.43
CA VAL A 426 49.40 17.29 14.98
C VAL A 426 50.83 16.83 15.20
N PRO A 427 51.79 17.54 14.60
CA PRO A 427 53.19 17.16 14.82
C PRO A 427 53.59 17.38 16.27
N ALA A 428 54.46 16.52 16.78
CA ALA A 428 54.96 16.66 18.14
C ALA A 428 55.96 17.81 18.23
N PHE A 429 55.89 18.53 19.33
CA PHE A 429 56.77 19.66 19.60
C PHE A 429 58.15 19.17 20.05
N LYS A 430 59.20 19.77 19.50
CA LYS A 430 60.55 19.36 19.84
C LYS A 430 61.12 20.11 21.05
N ILE A 431 61.50 19.36 22.07
CA ILE A 431 62.11 19.91 23.27
C ILE A 431 63.64 19.79 23.18
N ASN A 432 64.34 20.89 23.41
CA ASN A 432 65.80 20.88 23.33
C ASN A 432 66.43 20.37 24.63
N LYS A 433 67.71 20.02 24.56
CA LYS A 433 68.42 19.49 25.71
C LYS A 433 69.57 20.41 26.13
N VAL B 13 5.51 -7.01 -33.85
CA VAL B 13 5.96 -7.05 -35.23
C VAL B 13 7.46 -7.38 -35.26
N LEU B 14 8.14 -7.13 -34.15
CA LEU B 14 9.58 -7.39 -34.07
C LEU B 14 9.86 -8.87 -34.30
N ARG B 15 9.22 -9.74 -33.52
CA ARG B 15 9.39 -11.18 -33.71
C ARG B 15 8.08 -11.95 -33.88
N VAL B 16 6.94 -11.24 -33.84
CA VAL B 16 5.62 -11.88 -33.94
C VAL B 16 5.06 -11.81 -35.35
N PRO B 17 4.70 -12.97 -35.91
CA PRO B 17 4.11 -13.08 -37.25
C PRO B 17 2.93 -12.12 -37.46
N VAL B 18 2.93 -11.44 -38.60
CA VAL B 18 1.88 -10.49 -38.94
C VAL B 18 1.18 -10.88 -40.23
N ILE B 19 -0.14 -10.96 -40.19
CA ILE B 19 -0.91 -11.25 -41.38
C ILE B 19 -1.57 -9.96 -41.88
N ASP B 20 -1.11 -9.48 -43.03
CA ASP B 20 -1.65 -8.25 -43.61
C ASP B 20 -2.78 -8.57 -44.57
N LEU B 21 -4.00 -8.17 -44.21
CA LEU B 21 -5.17 -8.54 -44.98
C LEU B 21 -5.21 -7.84 -46.34
N ASN B 22 -4.42 -6.78 -46.49
CA ASN B 22 -4.31 -6.09 -47.77
C ASN B 22 -3.56 -6.97 -48.77
N ARG B 23 -2.53 -7.63 -48.27
CA ARG B 23 -1.68 -8.51 -49.06
C ARG B 23 -2.31 -9.91 -49.20
N VAL B 24 -2.46 -10.63 -48.10
CA VAL B 24 -3.13 -11.91 -48.12
C VAL B 24 -4.57 -11.73 -47.65
N SER B 25 -5.53 -11.97 -48.53
CA SER B 25 -6.91 -11.63 -48.21
C SER B 25 -7.94 -12.72 -48.42
N ASP B 26 -7.62 -13.72 -49.22
CA ASP B 26 -8.61 -14.72 -49.59
C ASP B 26 -8.42 -15.98 -48.75
N GLU B 27 -9.49 -16.74 -48.56
CA GLU B 27 -9.42 -17.95 -47.73
C GLU B 27 -8.44 -18.97 -48.28
N GLU B 28 -8.42 -19.11 -49.61
CA GLU B 28 -7.49 -20.01 -50.28
C GLU B 28 -6.06 -19.59 -50.03
N GLN B 29 -5.83 -18.28 -49.91
CA GLN B 29 -4.51 -17.73 -49.64
C GLN B 29 -4.13 -17.82 -48.17
N LEU B 30 -5.13 -17.68 -47.30
CA LEU B 30 -4.90 -17.61 -45.86
C LEU B 30 -4.58 -18.96 -45.21
N LEU B 31 -5.18 -20.04 -45.70
CA LEU B 31 -4.95 -21.36 -45.10
C LEU B 31 -3.46 -21.74 -45.06
N PRO B 32 -2.73 -21.59 -46.18
CA PRO B 32 -1.29 -21.91 -46.10
C PRO B 32 -0.52 -20.96 -45.19
N VAL B 33 -0.92 -19.69 -45.19
CA VAL B 33 -0.27 -18.69 -44.35
C VAL B 33 -0.49 -18.98 -42.87
N VAL B 34 -1.74 -19.25 -42.51
CA VAL B 34 -2.07 -19.57 -41.12
C VAL B 34 -1.37 -20.87 -40.69
N ARG B 35 -1.45 -21.90 -41.54
CA ARG B 35 -0.81 -23.18 -41.21
C ARG B 35 0.69 -23.04 -41.04
N ALA B 36 1.32 -22.24 -41.89
CA ALA B 36 2.75 -22.01 -41.78
C ALA B 36 3.11 -21.37 -40.44
N ILE B 37 2.31 -20.41 -40.02
CA ILE B 37 2.53 -19.74 -38.74
C ILE B 37 2.29 -20.68 -37.56
N LEU B 38 1.16 -21.39 -37.59
CA LEU B 38 0.78 -22.27 -36.49
C LEU B 38 1.72 -23.47 -36.30
N LEU B 39 2.50 -23.80 -37.33
CA LEU B 39 3.43 -24.91 -37.21
C LEU B 39 4.65 -24.53 -36.39
N GLN B 40 4.82 -23.24 -36.14
CA GLN B 40 5.97 -22.77 -35.37
C GLN B 40 5.57 -21.79 -34.27
N HIS B 41 4.35 -21.26 -34.37
CA HIS B 41 3.91 -20.18 -33.50
C HIS B 41 2.47 -20.39 -33.00
N ASP B 42 2.11 -19.67 -31.94
CA ASP B 42 0.75 -19.71 -31.41
C ASP B 42 0.13 -18.32 -31.35
N THR B 43 0.94 -17.31 -31.61
CA THR B 43 0.50 -15.93 -31.53
C THR B 43 0.81 -15.21 -32.84
N PHE B 44 -0.15 -14.44 -33.35
CA PHE B 44 0.10 -13.61 -34.51
C PHE B 44 -0.78 -12.36 -34.55
N LEU B 45 -0.31 -11.34 -35.28
CA LEU B 45 -1.02 -10.08 -35.39
C LEU B 45 -1.86 -10.02 -36.66
N LEU B 46 -2.92 -9.22 -36.64
CA LEU B 46 -3.75 -9.03 -37.81
C LEU B 46 -3.74 -7.56 -38.22
N LYS B 47 -3.08 -7.30 -39.34
CA LYS B 47 -2.90 -5.94 -39.85
C LYS B 47 -3.98 -5.60 -40.86
N ASN B 48 -4.38 -4.33 -40.87
CA ASN B 48 -5.31 -3.79 -41.87
C ASN B 48 -6.65 -4.50 -41.93
N TYR B 49 -7.19 -4.83 -40.75
CA TYR B 49 -8.55 -5.32 -40.66
C TYR B 49 -9.49 -4.19 -41.08
N ALA B 50 -10.53 -4.52 -41.83
CA ALA B 50 -11.40 -3.51 -42.44
C ALA B 50 -12.08 -2.61 -41.41
N ASN B 51 -12.50 -3.18 -40.30
CA ASN B 51 -13.28 -2.43 -39.29
C ASN B 51 -12.47 -2.07 -38.06
N LYS B 52 -11.16 -1.91 -38.22
CA LYS B 52 -10.28 -1.60 -37.11
C LYS B 52 -10.65 -0.25 -36.45
N ALA B 53 -11.01 0.73 -37.26
CA ALA B 53 -11.37 2.06 -36.78
C ALA B 53 -12.65 2.04 -35.94
N VAL B 54 -13.67 1.36 -36.45
CA VAL B 54 -14.92 1.15 -35.73
C VAL B 54 -14.67 0.46 -34.40
N LEU B 55 -13.75 -0.50 -34.44
CA LEU B 55 -13.39 -1.28 -33.26
C LEU B 55 -12.73 -0.41 -32.20
N ASP B 56 -11.80 0.45 -32.61
CA ASP B 56 -11.11 1.35 -31.69
C ASP B 56 -12.05 2.41 -31.12
N ALA B 57 -13.08 2.75 -31.90
CA ALA B 57 -14.07 3.71 -31.45
C ALA B 57 -14.89 3.11 -30.30
N LEU B 58 -15.35 1.88 -30.50
CA LEU B 58 -16.11 1.17 -29.48
C LEU B 58 -15.33 1.00 -28.18
N LEU B 59 -14.05 0.65 -28.29
CA LEU B 59 -13.20 0.53 -27.12
C LEU B 59 -13.05 1.88 -26.40
N ALA B 60 -12.97 2.96 -27.16
CA ALA B 60 -12.91 4.30 -26.58
C ALA B 60 -14.19 4.62 -25.83
N GLY B 61 -15.33 4.28 -26.41
CA GLY B 61 -16.62 4.52 -25.78
C GLY B 61 -16.73 3.82 -24.44
N LEU B 62 -16.13 2.64 -24.33
CA LEU B 62 -16.16 1.86 -23.10
C LEU B 62 -15.46 2.55 -21.94
N THR B 63 -14.58 3.49 -22.24
CA THR B 63 -13.82 4.19 -21.21
C THR B 63 -14.65 5.20 -20.43
N THR B 64 -15.71 5.73 -21.06
CA THR B 64 -16.52 6.77 -20.41
C THR B 64 -18.03 6.62 -20.54
N LYS B 65 -18.52 5.70 -21.37
CA LYS B 65 -19.92 5.73 -21.75
C LYS B 65 -20.78 4.49 -21.46
N ASP B 66 -20.21 3.30 -21.65
CA ASP B 66 -20.97 2.07 -21.43
C ASP B 66 -20.37 1.19 -20.33
N LEU B 67 -20.52 1.64 -19.09
CA LEU B 67 -19.86 1.02 -17.94
C LEU B 67 -20.56 -0.28 -17.51
N PRO B 68 -19.82 -1.15 -16.81
CA PRO B 68 -20.33 -2.46 -16.36
C PRO B 68 -21.55 -2.40 -15.44
N ASP B 69 -22.58 -3.19 -15.75
CA ASP B 69 -23.76 -3.29 -14.90
C ASP B 69 -23.36 -3.86 -13.55
N THR B 70 -23.12 -2.97 -12.59
CA THR B 70 -22.63 -3.37 -11.27
C THR B 70 -23.69 -4.05 -10.40
N SER B 71 -24.91 -4.16 -10.93
CA SER B 71 -25.99 -4.75 -10.14
C SER B 71 -26.45 -6.13 -10.60
N GLN B 72 -25.78 -6.71 -11.60
CA GLN B 72 -26.27 -7.94 -12.20
C GLN B 72 -25.79 -9.19 -11.46
N GLY B 73 -24.71 -9.05 -10.69
CA GLY B 73 -24.15 -10.18 -9.98
C GLY B 73 -23.24 -11.03 -10.84
N PHE B 74 -22.49 -11.91 -10.20
CA PHE B 74 -21.56 -12.80 -10.88
C PHE B 74 -21.83 -14.23 -10.43
N ASP B 75 -22.43 -15.03 -11.31
CA ASP B 75 -22.94 -16.36 -10.95
C ASP B 75 -21.91 -17.50 -11.04
N ALA B 76 -22.39 -18.73 -10.98
CA ALA B 76 -21.52 -19.90 -10.95
C ALA B 76 -21.01 -20.30 -12.33
N ASN B 77 -21.64 -19.77 -13.38
CA ASN B 77 -21.16 -19.95 -14.74
C ASN B 77 -20.02 -18.99 -15.07
N PHE B 78 -19.51 -18.31 -14.05
CA PHE B 78 -18.53 -17.25 -14.20
C PHE B 78 -18.98 -16.20 -15.22
N THR B 79 -20.23 -15.73 -15.07
CA THR B 79 -20.76 -14.65 -15.90
C THR B 79 -21.34 -13.51 -15.07
N GLY B 80 -21.41 -12.33 -15.65
CA GLY B 80 -21.92 -11.16 -14.96
C GLY B 80 -20.87 -10.08 -14.73
N THR B 81 -20.99 -9.37 -13.62
CA THR B 81 -20.03 -8.31 -13.30
C THR B 81 -19.35 -8.61 -11.97
N LEU B 82 -18.03 -8.51 -11.95
CA LEU B 82 -17.27 -8.89 -10.76
C LEU B 82 -16.27 -7.81 -10.34
N PRO B 83 -16.44 -7.26 -9.14
CA PRO B 83 -15.49 -6.29 -8.58
C PRO B 83 -14.18 -6.97 -8.19
N LEU B 84 -13.08 -6.49 -8.75
CA LEU B 84 -11.75 -7.01 -8.44
C LEU B 84 -10.96 -5.99 -7.63
N GLU B 85 -9.68 -6.30 -7.40
CA GLU B 85 -8.80 -5.40 -6.66
C GLU B 85 -8.63 -4.07 -7.38
N ASP B 86 -8.30 -3.03 -6.61
CA ASP B 86 -8.01 -1.69 -7.12
C ASP B 86 -9.17 -1.10 -7.92
N ASP B 87 -10.40 -1.31 -7.43
CA ASP B 87 -11.60 -0.78 -8.09
C ASP B 87 -11.61 -1.10 -9.58
N VAL B 88 -11.21 -2.32 -9.92
CA VAL B 88 -11.27 -2.82 -11.29
C VAL B 88 -12.43 -3.78 -11.41
N TRP B 89 -13.23 -3.62 -12.46
CA TRP B 89 -14.39 -4.46 -12.67
C TRP B 89 -14.20 -5.43 -13.83
N LEU B 90 -14.60 -6.68 -13.62
CA LEU B 90 -14.61 -7.68 -14.67
C LEU B 90 -16.05 -7.92 -15.13
N GLU B 91 -16.26 -7.90 -16.44
CA GLU B 91 -17.55 -8.26 -17.00
C GLU B 91 -17.32 -9.43 -17.95
N GLN B 92 -18.19 -10.44 -17.88
CA GLN B 92 -17.96 -11.66 -18.63
C GLN B 92 -19.26 -12.34 -19.03
N TYR B 93 -19.28 -12.87 -20.26
CA TYR B 93 -20.44 -13.58 -20.76
C TYR B 93 -20.04 -14.86 -21.49
N ILE B 94 -20.85 -15.91 -21.34
CA ILE B 94 -20.60 -17.16 -22.03
C ILE B 94 -21.83 -17.61 -22.78
N PHE B 95 -21.67 -17.88 -24.07
CA PHE B 95 -22.77 -18.33 -24.92
CA PHE B 95 -22.78 -18.33 -24.91
C PHE B 95 -22.47 -19.69 -25.52
N ASP B 96 -23.48 -20.56 -25.58
CA ASP B 96 -23.33 -21.88 -26.16
C ASP B 96 -24.53 -22.23 -27.03
N THR B 97 -24.28 -22.97 -28.10
CA THR B 97 -25.32 -23.36 -29.05
C THR B 97 -26.26 -24.45 -28.51
N ASP B 98 -25.70 -25.35 -27.71
CA ASP B 98 -26.44 -26.51 -27.19
C ASP B 98 -27.68 -26.10 -26.38
N PRO B 99 -28.87 -26.51 -26.83
CA PRO B 99 -30.14 -26.22 -26.15
C PRO B 99 -30.23 -26.85 -24.76
N GLN B 100 -29.42 -27.89 -24.53
CA GLN B 100 -29.37 -28.58 -23.25
C GLN B 100 -28.64 -27.75 -22.19
N LEU B 101 -27.90 -26.74 -22.64
CA LEU B 101 -27.12 -25.92 -21.73
C LEU B 101 -27.88 -24.66 -21.33
N ARG B 102 -27.68 -24.24 -20.08
CA ARG B 102 -28.35 -23.06 -19.56
C ARG B 102 -27.35 -21.95 -19.26
N PHE B 103 -26.98 -21.22 -20.30
CA PHE B 103 -26.21 -19.99 -20.16
C PHE B 103 -27.10 -18.85 -20.62
N ASP B 104 -27.96 -18.38 -19.73
CA ASP B 104 -29.05 -17.47 -20.11
C ASP B 104 -28.76 -15.99 -19.92
N ARG B 105 -27.63 -15.66 -19.31
CA ARG B 105 -27.31 -14.26 -19.06
C ARG B 105 -27.02 -13.53 -20.36
N LYS B 106 -28.00 -12.76 -20.84
CA LYS B 106 -27.85 -12.01 -22.07
C LYS B 106 -26.98 -10.77 -21.86
N CYS B 107 -26.11 -10.49 -22.82
CA CYS B 107 -25.33 -9.26 -22.77
C CYS B 107 -26.16 -8.11 -23.30
N ARG B 108 -26.47 -7.16 -22.42
CA ARG B 108 -27.33 -6.04 -22.79
C ARG B 108 -26.53 -4.76 -22.95
N ASN B 109 -25.21 -4.88 -22.85
CA ASN B 109 -24.30 -3.77 -23.04
C ASN B 109 -24.08 -3.51 -24.54
N GLU B 110 -24.65 -2.40 -25.03
CA GLU B 110 -24.66 -2.08 -26.45
C GLU B 110 -23.28 -2.08 -27.08
N SER B 111 -22.32 -1.50 -26.38
CA SER B 111 -20.95 -1.42 -26.86
C SER B 111 -20.30 -2.80 -26.96
N LEU B 112 -20.46 -3.61 -25.92
CA LEU B 112 -19.89 -4.95 -25.92
C LEU B 112 -20.49 -5.83 -27.01
N CYS B 113 -21.78 -5.64 -27.30
CA CYS B 113 -22.44 -6.40 -28.35
C CYS B 113 -21.88 -6.06 -29.73
N SER B 114 -21.64 -4.78 -29.97
CA SER B 114 -21.06 -4.35 -31.24
C SER B 114 -19.65 -4.88 -31.38
N ILE B 115 -18.89 -4.84 -30.29
CA ILE B 115 -17.56 -5.42 -30.26
C ILE B 115 -17.61 -6.94 -30.48
N TYR B 116 -18.59 -7.58 -29.84
CA TYR B 116 -18.73 -9.03 -29.94
C TYR B 116 -19.06 -9.50 -31.36
N SER B 117 -20.03 -8.86 -31.99
CA SER B 117 -20.49 -9.30 -33.30
C SER B 117 -19.40 -9.19 -34.35
N ARG B 118 -18.50 -8.22 -34.17
CA ARG B 118 -17.36 -8.07 -35.08
C ARG B 118 -16.25 -9.09 -34.79
N LEU B 119 -15.91 -9.24 -33.51
CA LEU B 119 -14.89 -10.20 -33.12
C LEU B 119 -15.37 -11.64 -33.37
N PHE B 120 -16.68 -11.84 -33.41
CA PHE B 120 -17.23 -13.17 -33.59
C PHE B 120 -17.06 -13.64 -35.03
N LYS B 121 -17.57 -12.87 -35.98
CA LYS B 121 -17.42 -13.19 -37.40
C LYS B 121 -15.96 -13.45 -37.76
N LEU B 122 -15.08 -12.59 -37.25
CA LEU B 122 -13.65 -12.73 -37.46
C LEU B 122 -13.07 -13.96 -36.79
N GLY B 123 -13.37 -14.11 -35.50
CA GLY B 123 -12.84 -15.20 -34.70
C GLY B 123 -13.25 -16.57 -35.22
N LEU B 124 -14.52 -16.70 -35.59
CA LEU B 124 -15.05 -17.96 -36.10
C LEU B 124 -14.37 -18.38 -37.39
N PHE B 125 -14.16 -17.42 -38.28
CA PHE B 125 -13.48 -17.66 -39.54
C PHE B 125 -12.06 -18.16 -39.34
N PHE B 126 -11.30 -17.47 -38.48
CA PHE B 126 -9.91 -17.85 -38.23
C PHE B 126 -9.80 -19.07 -37.33
N ALA B 127 -10.86 -19.38 -36.58
CA ALA B 127 -10.85 -20.57 -35.75
C ALA B 127 -10.93 -21.80 -36.64
N GLN B 128 -11.81 -21.76 -37.62
CA GLN B 128 -11.95 -22.84 -38.58
C GLN B 128 -10.70 -23.01 -39.44
N LEU B 129 -10.04 -21.90 -39.74
CA LEU B 129 -8.78 -21.97 -40.48
C LEU B 129 -7.71 -22.63 -39.64
N CYS B 130 -7.64 -22.27 -38.36
CA CYS B 130 -6.67 -22.86 -37.45
C CYS B 130 -6.87 -24.37 -37.35
N VAL B 131 -8.13 -24.80 -37.26
CA VAL B 131 -8.46 -26.22 -37.15
C VAL B 131 -8.10 -26.96 -38.43
N LYS B 132 -8.42 -26.36 -39.58
CA LYS B 132 -8.10 -26.99 -40.86
C LYS B 132 -6.59 -26.98 -41.10
N SER B 133 -5.88 -26.16 -40.33
CA SER B 133 -4.43 -26.01 -40.51
C SER B 133 -3.62 -27.12 -39.86
N VAL B 134 -4.00 -27.52 -38.66
CA VAL B 134 -3.17 -28.43 -37.87
C VAL B 134 -3.92 -29.59 -37.23
N VAL B 135 -5.18 -29.80 -37.62
CA VAL B 135 -5.96 -30.91 -37.10
C VAL B 135 -6.38 -31.88 -38.21
N SER B 136 -5.97 -33.14 -38.07
CA SER B 136 -6.15 -34.13 -39.13
C SER B 136 -7.57 -34.72 -39.18
N SER B 137 -8.11 -35.06 -38.01
CA SER B 137 -9.41 -35.71 -37.92
C SER B 137 -10.52 -34.98 -38.67
N ALA B 138 -11.32 -35.75 -39.41
CA ALA B 138 -12.40 -35.17 -40.20
C ALA B 138 -13.63 -34.96 -39.33
N GLU B 139 -13.72 -35.71 -38.24
CA GLU B 139 -14.80 -35.56 -37.28
C GLU B 139 -14.65 -34.26 -36.54
N LEU B 140 -13.40 -33.85 -36.32
CA LEU B 140 -13.11 -32.61 -35.61
C LEU B 140 -13.09 -31.44 -36.58
N GLN B 141 -13.28 -31.72 -37.86
CA GLN B 141 -13.20 -30.68 -38.88
C GLN B 141 -14.41 -29.74 -38.88
N ASP B 142 -15.56 -30.24 -38.45
CA ASP B 142 -16.78 -29.44 -38.48
C ASP B 142 -17.41 -29.26 -37.10
N CYS B 143 -16.70 -29.69 -36.06
CA CYS B 143 -17.18 -29.56 -34.69
C CYS B 143 -17.52 -28.12 -34.37
N ILE B 144 -16.67 -27.21 -34.85
CA ILE B 144 -16.87 -25.79 -34.62
C ILE B 144 -17.37 -25.11 -35.91
N SER B 145 -18.58 -24.54 -35.83
CA SER B 145 -19.21 -23.92 -37.00
C SER B 145 -20.16 -22.80 -36.59
N THR B 146 -20.84 -22.23 -37.57
CA THR B 146 -21.78 -21.14 -37.32
C THR B 146 -23.00 -21.61 -36.52
N SER B 147 -23.16 -22.91 -36.39
CA SER B 147 -24.28 -23.48 -35.65
C SER B 147 -23.82 -24.29 -34.45
N HIS B 148 -22.51 -24.40 -34.28
CA HIS B 148 -21.94 -25.14 -33.16
C HIS B 148 -20.73 -24.44 -32.59
N TYR B 149 -20.90 -23.78 -31.45
CA TYR B 149 -19.80 -23.06 -30.82
C TYR B 149 -20.07 -22.69 -29.37
N ALA B 150 -19.02 -22.28 -28.69
CA ALA B 150 -19.12 -21.66 -27.37
C ALA B 150 -18.13 -20.51 -27.32
N THR B 151 -18.59 -19.35 -26.84
CA THR B 151 -17.75 -18.17 -26.77
C THR B 151 -17.64 -17.64 -25.35
N LYS B 152 -16.51 -16.98 -25.07
CA LYS B 152 -16.34 -16.25 -23.82
C LYS B 152 -15.87 -14.82 -24.08
N LEU B 153 -16.78 -13.87 -23.90
CA LEU B 153 -16.46 -12.46 -24.01
C LEU B 153 -16.05 -11.92 -22.63
N THR B 154 -14.82 -11.44 -22.54
CA THR B 154 -14.29 -10.94 -21.27
C THR B 154 -13.88 -9.47 -21.38
N ARG B 155 -14.34 -8.67 -20.41
CA ARG B 155 -14.02 -7.25 -20.36
C ARG B 155 -13.47 -6.80 -18.99
N TYR B 156 -12.34 -6.13 -19.00
CA TYR B 156 -11.83 -5.46 -17.82
C TYR B 156 -12.14 -3.96 -17.87
N PHE B 157 -12.53 -3.37 -16.75
CA PHE B 157 -12.81 -1.93 -16.71
C PHE B 157 -12.07 -1.23 -15.57
N ASN B 158 -11.36 -0.16 -15.91
CA ASN B 158 -10.63 0.63 -14.92
C ASN B 158 -11.30 1.98 -14.69
N ARG B 186 3.19 -2.87 -14.83
CA ARG B 186 4.16 -3.93 -14.55
C ARG B 186 3.55 -5.09 -13.76
N ASP B 187 2.31 -4.91 -13.29
CA ASP B 187 1.60 -5.97 -12.59
C ASP B 187 0.68 -6.74 -13.55
N TYR B 188 1.01 -7.99 -13.81
CA TYR B 188 0.36 -8.74 -14.89
C TYR B 188 -0.39 -9.98 -14.42
N VAL B 189 -1.45 -10.31 -15.14
CA VAL B 189 -2.20 -11.54 -14.90
C VAL B 189 -1.80 -12.61 -15.90
N THR B 190 -1.28 -13.73 -15.39
CA THR B 190 -0.92 -14.86 -16.23
C THR B 190 -2.09 -15.83 -16.37
N PHE B 191 -2.34 -16.29 -17.59
CA PHE B 191 -3.39 -17.27 -17.83
C PHE B 191 -3.16 -18.08 -19.10
N LEU B 192 -3.70 -19.30 -19.12
CA LEU B 192 -3.54 -20.20 -20.25
C LEU B 192 -4.89 -20.47 -20.90
N PRO B 193 -5.14 -19.85 -22.05
CA PRO B 193 -6.43 -20.02 -22.76
C PRO B 193 -6.68 -21.47 -23.14
N THR B 194 -7.93 -21.92 -23.07
CA THR B 194 -8.25 -23.34 -23.24
C THR B 194 -9.05 -23.59 -24.51
N GLY B 195 -9.43 -22.51 -25.19
CA GLY B 195 -10.21 -22.64 -26.40
C GLY B 195 -9.39 -23.01 -27.61
N VAL B 196 -10.02 -22.92 -28.78
CA VAL B 196 -9.29 -23.07 -30.03
C VAL B 196 -8.52 -21.79 -30.26
N LEU B 197 -9.25 -20.66 -30.18
CA LEU B 197 -8.69 -19.36 -30.52
C LEU B 197 -9.23 -18.26 -29.62
N THR B 198 -8.34 -17.37 -29.18
CA THR B 198 -8.76 -16.18 -28.45
C THR B 198 -8.21 -14.92 -29.13
N ILE B 199 -9.08 -13.93 -29.32
CA ILE B 199 -8.74 -12.74 -30.09
C ILE B 199 -8.94 -11.45 -29.31
N PHE B 200 -7.93 -10.58 -29.35
CA PHE B 200 -7.99 -9.25 -28.75
C PHE B 200 -8.13 -8.18 -29.83
N PRO B 201 -9.04 -7.21 -29.64
CA PRO B 201 -9.23 -6.15 -30.63
C PRO B 201 -8.09 -5.12 -30.63
N CYS B 202 -7.24 -5.18 -29.62
CA CYS B 202 -6.11 -4.26 -29.52
C CYS B 202 -4.90 -4.95 -28.93
N ALA B 203 -3.83 -5.02 -29.72
CA ALA B 203 -2.61 -5.71 -29.31
C ALA B 203 -1.73 -4.79 -28.47
N LYS B 204 -2.19 -4.53 -27.24
CA LYS B 204 -1.48 -3.65 -26.33
C LYS B 204 -1.68 -4.15 -24.90
N ALA B 205 -0.68 -3.92 -24.05
CA ALA B 205 -0.73 -4.35 -22.65
C ALA B 205 -0.88 -5.87 -22.55
N ILE B 206 -0.26 -6.57 -23.50
CA ILE B 206 -0.25 -8.03 -23.50
C ILE B 206 1.17 -8.50 -23.66
N ARG B 207 1.53 -9.56 -22.93
CA ARG B 207 2.86 -10.15 -23.06
C ARG B 207 2.75 -11.62 -23.45
N TYR B 208 3.74 -12.10 -24.20
CA TYR B 208 3.73 -13.49 -24.66
C TYR B 208 5.12 -14.11 -24.45
N LYS B 209 5.21 -15.42 -24.67
CA LYS B 209 6.48 -16.14 -24.59
C LYS B 209 6.88 -16.67 -25.95
N PRO B 210 8.00 -16.18 -26.49
CA PRO B 210 8.49 -16.58 -27.82
C PRO B 210 8.79 -18.07 -27.90
N ASN B 218 11.59 -19.33 -20.20
CA ASN B 218 12.03 -18.15 -20.93
C ASN B 218 11.76 -16.87 -20.16
N SER B 219 11.47 -15.81 -20.92
CA SER B 219 11.16 -14.49 -20.38
C SER B 219 10.06 -13.81 -21.19
N TRP B 220 9.17 -13.10 -20.52
CA TRP B 220 8.03 -12.49 -21.20
C TRP B 220 8.44 -11.34 -22.12
N VAL B 221 7.75 -11.22 -23.25
CA VAL B 221 7.98 -10.14 -24.19
C VAL B 221 6.69 -9.35 -24.41
N SER B 222 6.77 -8.04 -24.24
CA SER B 222 5.61 -7.17 -24.39
C SER B 222 5.19 -7.03 -25.85
N ILE B 223 3.90 -6.80 -26.07
CA ILE B 223 3.37 -6.56 -27.41
C ILE B 223 2.67 -5.22 -27.44
N ASP B 224 3.11 -4.35 -28.36
CA ASP B 224 2.49 -3.03 -28.48
C ASP B 224 2.24 -2.67 -29.94
N GLU B 225 1.18 -3.24 -30.52
CA GLU B 225 0.81 -2.93 -31.89
C GLU B 225 -0.66 -2.55 -31.97
N PRO B 226 -0.98 -1.31 -31.57
CA PRO B 226 -2.36 -0.82 -31.38
C PRO B 226 -3.22 -0.91 -32.65
N ASP B 227 -2.58 -0.92 -33.82
CA ASP B 227 -3.31 -0.96 -35.08
C ASP B 227 -3.58 -2.38 -35.53
N CYS B 228 -3.12 -3.35 -34.74
CA CYS B 228 -3.32 -4.76 -35.06
C CYS B 228 -4.26 -5.41 -34.05
N LEU B 229 -4.95 -6.46 -34.49
CA LEU B 229 -5.64 -7.35 -33.58
C LEU B 229 -4.67 -8.44 -33.14
N LEU B 230 -4.85 -8.98 -31.94
CA LEU B 230 -3.98 -10.06 -31.50
C LEU B 230 -4.72 -11.38 -31.49
N PHE B 231 -4.09 -12.41 -32.04
CA PHE B 231 -4.65 -13.75 -32.05
C PHE B 231 -3.76 -14.69 -31.25
N HIS B 232 -4.38 -15.53 -30.45
CA HIS B 232 -3.65 -16.52 -29.68
C HIS B 232 -4.44 -17.82 -29.63
N THR B 233 -3.75 -18.94 -29.80
CA THR B 233 -4.41 -20.24 -29.79
C THR B 233 -4.41 -20.84 -28.39
N GLY B 234 -5.40 -21.67 -28.11
CA GLY B 234 -5.53 -22.26 -26.79
C GLY B 234 -5.12 -23.72 -26.72
N THR B 235 -5.34 -24.32 -25.55
CA THR B 235 -4.90 -25.70 -25.29
C THR B 235 -5.69 -26.74 -26.07
N LEU B 236 -6.91 -26.42 -26.45
CA LEU B 236 -7.74 -27.36 -27.20
C LEU B 236 -7.15 -27.61 -28.58
N LEU B 237 -6.70 -26.55 -29.24
CA LEU B 237 -6.12 -26.69 -30.57
C LEU B 237 -4.84 -27.51 -30.53
N ALA B 238 -4.00 -27.26 -29.53
CA ALA B 238 -2.74 -27.98 -29.39
C ALA B 238 -2.97 -29.48 -29.17
N ARG B 239 -3.90 -29.81 -28.29
CA ARG B 239 -4.22 -31.21 -28.02
C ARG B 239 -4.74 -31.91 -29.27
N TRP B 240 -5.63 -31.23 -30.00
CA TRP B 240 -6.21 -31.79 -31.22
C TRP B 240 -5.25 -31.79 -32.41
N SER B 241 -4.10 -31.14 -32.27
CA SER B 241 -3.13 -31.12 -33.35
C SER B 241 -2.29 -32.39 -33.28
N GLN B 242 -2.38 -33.07 -32.14
CA GLN B 242 -1.67 -34.32 -31.88
C GLN B 242 -0.19 -34.20 -32.15
N GLY B 243 0.39 -33.07 -31.79
CA GLY B 243 1.82 -32.88 -31.93
C GLY B 243 2.21 -31.81 -32.93
N MSE B 244 1.28 -31.44 -33.80
CA MSE B 244 1.58 -30.48 -34.85
C MSE B 244 1.71 -29.06 -34.33
O MSE B 244 2.54 -28.28 -34.81
CB MSE B 244 0.49 -30.51 -35.93
CG MSE B 244 0.50 -31.75 -36.82
SE MSE B 244 2.23 -32.23 -37.62
CE MSE B 244 2.66 -30.58 -38.55
N HIS B 245 0.90 -28.72 -33.34
CA HIS B 245 0.87 -27.37 -32.79
C HIS B 245 0.93 -27.37 -31.26
N THR B 246 1.65 -26.41 -30.71
CA THR B 246 1.72 -26.22 -29.26
C THR B 246 1.44 -24.76 -28.90
N THR B 247 0.83 -24.55 -27.75
CA THR B 247 0.53 -23.20 -27.32
C THR B 247 1.26 -22.85 -26.01
N SER B 248 1.03 -21.62 -25.53
CA SER B 248 1.73 -21.11 -24.37
C SER B 248 0.89 -20.02 -23.68
N PRO B 249 1.16 -19.76 -22.38
CA PRO B 249 0.32 -18.79 -21.66
C PRO B 249 0.56 -17.34 -22.06
N LEU B 250 -0.47 -16.50 -21.89
CA LEU B 250 -0.33 -15.06 -22.09
C LEU B 250 -0.32 -14.33 -20.75
N GLN B 251 0.12 -13.08 -20.79
CA GLN B 251 -0.04 -12.18 -19.65
C GLN B 251 -0.79 -10.95 -20.12
N ILE B 252 -1.73 -10.49 -19.30
CA ILE B 252 -2.45 -9.26 -19.63
C ILE B 252 -2.39 -8.31 -18.45
N ASP B 253 -2.47 -7.02 -18.71
CA ASP B 253 -2.55 -6.02 -17.66
C ASP B 253 -4.01 -5.67 -17.46
N PRO B 254 -4.56 -6.04 -16.30
CA PRO B 254 -5.99 -5.86 -15.99
C PRO B 254 -6.39 -4.39 -15.87
N ARG B 255 -5.40 -3.51 -15.74
CA ARG B 255 -5.65 -2.09 -15.57
C ARG B 255 -5.78 -1.35 -16.90
N ALA B 256 -5.70 -2.09 -18.00
CA ALA B 256 -5.65 -1.47 -19.33
C ALA B 256 -6.92 -1.63 -20.14
N ASN B 257 -8.03 -1.94 -19.48
CA ASN B 257 -9.34 -2.04 -20.13
C ASN B 257 -9.38 -3.00 -21.31
N ILE B 258 -8.70 -4.14 -21.15
CA ILE B 258 -8.59 -5.16 -22.18
C ILE B 258 -9.91 -5.90 -22.40
N VAL B 259 -10.23 -6.13 -23.68
CA VAL B 259 -11.37 -6.96 -24.07
C VAL B 259 -10.85 -8.18 -24.84
N SER B 260 -11.53 -9.31 -24.74
CA SER B 260 -11.11 -10.51 -25.47
C SER B 260 -12.26 -11.46 -25.76
N LEU B 261 -12.16 -12.16 -26.87
CA LEU B 261 -13.13 -13.20 -27.21
C LEU B 261 -12.44 -14.54 -27.44
N THR B 262 -12.92 -15.57 -26.75
CA THR B 262 -12.42 -16.93 -26.89
C THR B 262 -13.49 -17.80 -27.56
N ILE B 263 -13.08 -18.64 -28.50
CA ILE B 263 -14.01 -19.51 -29.20
C ILE B 263 -13.76 -20.99 -28.86
N TRP B 264 -14.86 -21.73 -28.68
CA TRP B 264 -14.81 -23.18 -28.49
C TRP B 264 -15.77 -23.87 -29.45
N PRO B 265 -15.62 -25.19 -29.62
CA PRO B 265 -16.76 -25.99 -30.03
C PRO B 265 -17.71 -26.08 -28.85
N PRO B 266 -18.94 -26.60 -29.02
CA PRO B 266 -19.86 -26.71 -27.89
C PRO B 266 -19.20 -27.30 -26.64
N LEU B 267 -19.51 -26.76 -25.47
CA LEU B 267 -18.81 -27.15 -24.24
C LEU B 267 -19.02 -28.63 -23.89
N THR B 268 -20.07 -29.23 -24.44
CA THR B 268 -20.35 -30.63 -24.19
C THR B 268 -19.53 -31.55 -25.08
N THR B 269 -18.76 -30.96 -26.00
CA THR B 269 -17.89 -31.72 -26.89
C THR B 269 -16.87 -32.52 -26.08
N PRO B 270 -16.77 -33.82 -26.34
CA PRO B 270 -15.82 -34.63 -25.59
C PRO B 270 -14.38 -34.44 -26.05
N ILE B 271 -13.47 -34.33 -25.10
CA ILE B 271 -12.05 -34.39 -25.38
C ILE B 271 -11.65 -35.83 -25.11
N SER B 272 -10.52 -36.28 -25.63
CA SER B 272 -10.05 -37.62 -25.30
C SER B 272 -8.53 -37.70 -25.32
N GLY B 277 -12.10 -35.52 -18.23
CA GLY B 277 -11.59 -34.52 -19.16
C GLY B 277 -12.64 -34.06 -20.14
N THR B 278 -13.09 -32.81 -20.00
CA THR B 278 -14.03 -32.21 -20.93
C THR B 278 -13.60 -30.77 -21.17
N ILE B 279 -14.16 -30.14 -22.19
CA ILE B 279 -13.95 -28.72 -22.41
C ILE B 279 -14.43 -27.95 -21.19
N ALA B 280 -15.62 -28.29 -20.71
CA ALA B 280 -16.21 -27.62 -19.55
C ALA B 280 -15.35 -27.75 -18.30
N ASN B 281 -14.71 -28.90 -18.13
CA ASN B 281 -13.83 -29.13 -17.00
C ASN B 281 -12.59 -28.26 -17.04
N HIS B 282 -12.02 -28.09 -18.23
CA HIS B 282 -10.83 -27.27 -18.41
C HIS B 282 -11.15 -25.79 -18.27
N LEU B 283 -12.34 -25.39 -18.75
CA LEU B 283 -12.79 -24.02 -18.59
C LEU B 283 -12.94 -23.69 -17.11
N LEU B 284 -13.62 -24.57 -16.37
CA LEU B 284 -13.84 -24.38 -14.94
C LEU B 284 -12.52 -24.22 -14.18
N GLU B 285 -11.57 -25.11 -14.46
CA GLU B 285 -10.26 -25.06 -13.81
C GLU B 285 -9.55 -23.75 -14.10
N GLN B 286 -9.70 -23.27 -15.34
CA GLN B 286 -9.07 -22.04 -15.75
C GLN B 286 -9.74 -20.82 -15.10
N GLN B 287 -11.07 -20.83 -15.04
CA GLN B 287 -11.81 -19.76 -14.38
C GLN B 287 -11.55 -19.74 -12.87
N ILE B 288 -11.39 -20.92 -12.27
CA ILE B 288 -11.11 -21.01 -10.85
C ILE B 288 -9.73 -20.43 -10.51
N LYS B 289 -8.74 -20.73 -11.35
CA LYS B 289 -7.39 -20.17 -11.16
C LYS B 289 -7.40 -18.66 -11.33
N ALA B 290 -8.24 -18.16 -12.23
CA ALA B 290 -8.29 -16.74 -12.51
C ALA B 290 -9.00 -15.95 -11.41
N PHE B 291 -10.08 -16.52 -10.89
CA PHE B 291 -10.92 -15.84 -9.91
C PHE B 291 -11.20 -16.72 -8.69
N PRO B 292 -10.21 -16.84 -7.80
CA PRO B 292 -10.30 -17.74 -6.64
C PRO B 292 -11.33 -17.33 -5.60
N LYS B 293 -11.69 -16.04 -5.52
CA LYS B 293 -12.70 -15.62 -4.55
C LYS B 293 -14.08 -16.08 -5.00
N VAL B 294 -14.34 -15.98 -6.29
CA VAL B 294 -15.56 -16.55 -6.88
C VAL B 294 -15.55 -18.07 -6.71
N ALA B 295 -14.38 -18.68 -6.86
CA ALA B 295 -14.26 -20.13 -6.77
C ALA B 295 -14.49 -20.61 -5.34
N GLN B 296 -14.03 -19.84 -4.36
CA GLN B 296 -14.27 -20.16 -2.96
C GLN B 296 -15.77 -20.14 -2.67
N GLN B 297 -16.50 -19.30 -3.40
CA GLN B 297 -17.92 -19.14 -3.19
C GLN B 297 -18.75 -20.25 -3.84
N TYR B 298 -18.36 -20.66 -5.05
CA TYR B 298 -19.18 -21.58 -5.84
C TYR B 298 -18.54 -22.95 -6.06
N TYR B 299 -17.23 -23.04 -5.88
CA TYR B 299 -16.52 -24.30 -6.10
C TYR B 299 -15.46 -24.53 -5.03
N PRO B 300 -15.86 -24.53 -3.75
CA PRO B 300 -14.81 -24.61 -2.72
C PRO B 300 -14.04 -25.92 -2.71
N ARG B 301 -14.65 -27.01 -3.15
CA ARG B 301 -13.95 -28.30 -3.18
C ARG B 301 -12.96 -28.37 -4.34
N GLU B 302 -13.42 -28.00 -5.53
CA GLU B 302 -12.58 -27.93 -6.70
C GLU B 302 -11.37 -27.02 -6.48
N LEU B 303 -11.58 -25.94 -5.74
CA LEU B 303 -10.52 -25.00 -5.43
C LEU B 303 -9.45 -25.60 -4.51
N SER B 304 -9.89 -26.30 -3.48
CA SER B 304 -8.97 -26.90 -2.52
C SER B 304 -8.14 -28.02 -3.16
N ILE B 305 -8.75 -28.76 -4.08
CA ILE B 305 -8.05 -29.82 -4.80
C ILE B 305 -6.97 -29.22 -5.70
N LEU B 306 -7.33 -28.13 -6.38
CA LEU B 306 -6.38 -27.43 -7.25
C LEU B 306 -5.19 -26.89 -6.46
N ARG B 307 -5.44 -26.34 -5.28
CA ARG B 307 -4.37 -25.85 -4.43
C ARG B 307 -3.49 -27.01 -3.97
N LEU B 308 -4.13 -28.14 -3.71
CA LEU B 308 -3.43 -29.34 -3.26
C LEU B 308 -2.52 -29.90 -4.34
N GLN B 309 -2.99 -29.84 -5.58
CA GLN B 309 -2.20 -30.28 -6.73
C GLN B 309 -0.90 -29.49 -6.85
N ASP B 310 -0.99 -28.19 -6.56
CA ASP B 310 0.19 -27.33 -6.56
C ASP B 310 1.18 -27.74 -5.47
N ALA B 311 0.65 -28.16 -4.33
CA ALA B 311 1.49 -28.63 -3.23
C ALA B 311 2.18 -29.94 -3.61
N MSE B 312 1.51 -30.76 -4.40
CA MSE B 312 2.11 -32.01 -4.88
C MSE B 312 3.23 -31.70 -5.87
O MSE B 312 4.28 -32.32 -5.83
CB MSE B 312 1.06 -32.92 -5.55
CG MSE B 312 -0.10 -33.33 -4.66
SE MSE B 312 0.43 -34.02 -2.90
CE MSE B 312 0.08 -32.43 -1.87
N LYS B 313 2.98 -30.73 -6.74
CA LYS B 313 3.97 -30.31 -7.72
C LYS B 313 5.20 -29.76 -7.01
N PHE B 314 4.96 -29.03 -5.93
CA PHE B 314 6.04 -28.45 -5.14
C PHE B 314 6.95 -29.56 -4.57
N VAL B 315 6.36 -30.52 -3.85
CA VAL B 315 7.18 -31.53 -3.18
C VAL B 315 7.87 -32.48 -4.14
N LYS B 316 7.25 -32.75 -5.28
CA LYS B 316 7.89 -33.59 -6.31
C LYS B 316 9.12 -32.89 -6.88
N GLU B 317 8.94 -31.63 -7.29
CA GLU B 317 10.05 -30.85 -7.80
C GLU B 317 11.10 -30.60 -6.73
N LEU B 318 10.65 -30.44 -5.48
CA LEU B 318 11.58 -30.27 -4.37
C LEU B 318 12.40 -31.54 -4.16
N PHE B 319 11.78 -32.69 -4.39
CA PHE B 319 12.46 -33.97 -4.20
C PHE B 319 13.59 -34.17 -5.22
N THR B 320 13.30 -33.92 -6.49
CA THR B 320 14.32 -34.10 -7.53
C THR B 320 15.44 -33.06 -7.37
N VAL B 321 15.07 -31.85 -6.95
CA VAL B 321 16.08 -30.82 -6.70
C VAL B 321 17.00 -31.25 -5.57
N CYS B 322 16.44 -31.85 -4.52
CA CYS B 322 17.23 -32.38 -3.42
C CYS B 322 18.12 -33.53 -3.89
N GLU B 323 17.62 -34.28 -4.86
CA GLU B 323 18.37 -35.39 -5.43
C GLU B 323 19.59 -34.86 -6.20
N THR B 324 19.36 -33.85 -7.01
CA THR B 324 20.41 -33.21 -7.79
C THR B 324 21.48 -32.56 -6.92
N VAL B 325 21.04 -31.80 -5.92
CA VAL B 325 21.97 -31.06 -5.06
C VAL B 325 22.87 -32.02 -4.29
N LEU B 326 22.30 -33.12 -3.83
CA LEU B 326 23.07 -34.11 -3.07
C LEU B 326 24.11 -34.82 -3.96
N SER B 327 23.77 -35.03 -5.23
CA SER B 327 24.68 -35.68 -6.17
C SER B 327 25.87 -34.78 -6.47
N LEU B 328 25.59 -33.48 -6.64
CA LEU B 328 26.62 -32.48 -6.91
C LEU B 328 27.62 -32.38 -5.77
N ASN B 329 27.16 -32.71 -4.55
CA ASN B 329 27.95 -32.66 -3.32
C ASN B 329 28.20 -31.22 -2.88
N VAL B 337 30.34 -37.47 8.04
CA VAL B 337 29.28 -36.65 8.62
C VAL B 337 28.43 -35.99 7.54
N PRO B 338 27.11 -36.20 7.60
CA PRO B 338 26.14 -35.68 6.63
C PRO B 338 26.10 -34.15 6.63
N PRO B 339 25.86 -33.54 5.46
CA PRO B 339 25.86 -32.07 5.35
C PRO B 339 24.70 -31.43 6.10
N GLU B 340 24.96 -30.26 6.66
CA GLU B 340 23.92 -29.53 7.37
C GLU B 340 22.96 -28.89 6.39
N LEU B 341 21.68 -28.94 6.72
CA LEU B 341 20.63 -28.59 5.78
C LEU B 341 20.61 -27.11 5.37
N HIS B 342 20.99 -26.20 6.27
CA HIS B 342 21.03 -24.78 5.93
C HIS B 342 22.13 -24.46 4.91
N VAL B 343 23.11 -25.36 4.80
CA VAL B 343 24.15 -25.26 3.78
C VAL B 343 23.59 -25.52 2.38
N LEU B 344 22.68 -26.48 2.28
CA LEU B 344 22.12 -26.89 0.99
C LEU B 344 20.94 -26.03 0.55
N LEU B 345 20.28 -25.38 1.50
CA LEU B 345 19.08 -24.58 1.20
C LEU B 345 19.28 -23.49 0.15
N PRO B 346 20.38 -22.71 0.22
CA PRO B 346 20.53 -21.68 -0.82
C PRO B 346 20.54 -22.23 -2.25
N GLN B 347 21.29 -23.30 -2.48
CA GLN B 347 21.35 -23.90 -3.80
C GLN B 347 20.01 -24.54 -4.19
N ILE B 348 19.39 -25.19 -3.21
CA ILE B 348 18.06 -25.75 -3.38
C ILE B 348 17.06 -24.65 -3.71
N SER B 349 17.19 -23.52 -3.00
CA SER B 349 16.32 -22.36 -3.24
C SER B 349 16.53 -21.80 -4.65
N SER B 350 17.78 -21.79 -5.09
CA SER B 350 18.12 -21.33 -6.43
C SER B 350 17.40 -22.16 -7.49
N MSE B 351 17.54 -23.48 -7.38
CA MSE B 351 16.98 -24.39 -8.37
C MSE B 351 15.46 -24.44 -8.28
O MSE B 351 14.78 -24.69 -9.27
CB MSE B 351 17.57 -25.77 -8.21
CG MSE B 351 19.08 -25.82 -8.43
SE MSE B 351 19.82 -27.61 -8.20
CE MSE B 351 18.73 -28.55 -9.51
N MSE B 352 14.94 -24.17 -7.08
CA MSE B 352 13.49 -24.08 -6.87
C MSE B 352 12.96 -22.71 -7.25
O MSE B 352 11.75 -22.49 -7.31
CB MSE B 352 13.15 -24.39 -5.41
CG MSE B 352 13.29 -25.86 -5.02
SE MSE B 352 12.11 -27.02 -6.06
CE MSE B 352 10.41 -26.21 -5.55
N LYS B 353 13.88 -21.77 -7.50
CA LYS B 353 13.55 -20.40 -7.89
C LYS B 353 12.64 -19.72 -6.86
N ARG B 354 12.76 -20.13 -5.60
CA ARG B 354 12.02 -19.53 -4.50
C ARG B 354 12.72 -19.89 -3.19
N LYS B 355 12.44 -19.12 -2.14
CA LYS B 355 13.04 -19.38 -0.85
C LYS B 355 12.52 -20.70 -0.28
N ILE B 356 13.44 -21.57 0.11
CA ILE B 356 13.10 -22.87 0.66
C ILE B 356 13.60 -22.97 2.10
N VAL B 357 12.69 -23.25 3.03
CA VAL B 357 13.07 -23.34 4.43
C VAL B 357 13.17 -24.80 4.89
N GLN B 358 13.70 -24.98 6.09
CA GLN B 358 13.88 -26.29 6.69
C GLN B 358 12.56 -27.06 6.78
N ASP B 359 11.47 -26.32 6.94
CA ASP B 359 10.13 -26.89 7.03
C ASP B 359 9.68 -27.51 5.71
N ASP B 360 10.08 -26.89 4.60
CA ASP B 360 9.72 -27.38 3.28
C ASP B 360 10.33 -28.75 3.00
N ILE B 361 11.57 -28.95 3.42
CA ILE B 361 12.25 -30.23 3.24
C ILE B 361 11.50 -31.35 3.96
N LEU B 362 10.99 -31.07 5.15
CA LEU B 362 10.30 -32.06 5.96
C LEU B 362 8.96 -32.50 5.37
N LYS B 363 8.45 -31.74 4.41
CA LYS B 363 7.25 -32.13 3.68
C LYS B 363 7.48 -33.44 2.95
N LEU B 364 8.72 -33.63 2.48
CA LEU B 364 9.10 -34.82 1.74
C LEU B 364 8.99 -36.08 2.59
N LEU B 365 9.40 -35.97 3.85
CA LEU B 365 9.38 -37.10 4.77
C LEU B 365 7.96 -37.54 5.09
N THR B 366 7.01 -36.62 4.99
CA THR B 366 5.61 -36.96 5.16
C THR B 366 5.13 -37.85 4.02
N ILE B 367 5.48 -37.47 2.80
CA ILE B 367 5.15 -38.24 1.61
C ILE B 367 5.87 -39.60 1.61
N TRP B 368 7.11 -39.59 2.09
CA TRP B 368 7.93 -40.80 2.13
C TRP B 368 8.95 -40.69 3.26
N SER B 369 8.71 -41.40 4.35
CA SER B 369 9.52 -41.28 5.56
C SER B 369 10.95 -41.81 5.39
N ASP B 370 11.12 -42.75 4.46
CA ASP B 370 12.42 -43.39 4.25
C ASP B 370 13.21 -42.73 3.13
N ALA B 371 12.71 -41.61 2.60
CA ALA B 371 13.40 -40.89 1.54
C ALA B 371 14.79 -40.44 1.98
N TYR B 372 14.87 -39.84 3.16
CA TYR B 372 16.13 -39.33 3.68
C TYR B 372 16.29 -39.63 5.16
N VAL B 373 17.54 -39.68 5.61
CA VAL B 373 17.86 -39.76 7.03
C VAL B 373 18.10 -38.36 7.56
N VAL B 374 17.10 -37.83 8.28
CA VAL B 374 17.20 -36.47 8.81
C VAL B 374 17.32 -36.50 10.33
N GLU B 375 18.46 -36.03 10.83
CA GLU B 375 18.73 -36.04 12.26
C GLU B 375 19.32 -34.71 12.72
N LEU B 376 19.43 -34.54 14.03
CA LEU B 376 20.13 -33.40 14.61
C LEU B 376 21.55 -33.86 14.92
N ASN B 377 22.55 -33.15 14.41
CA ASN B 377 23.93 -33.53 14.67
C ASN B 377 24.35 -33.17 16.09
N SER B 378 25.59 -33.48 16.42
CA SER B 378 26.12 -33.22 17.75
C SER B 378 26.13 -31.72 18.06
N ARG B 379 26.15 -30.92 17.01
CA ARG B 379 26.19 -29.46 17.14
C ARG B 379 24.78 -28.88 17.03
N GLY B 380 23.78 -29.72 17.22
CA GLY B 380 22.37 -29.33 17.22
C GLY B 380 21.80 -28.74 15.95
N GLU B 381 22.26 -29.22 14.80
CA GLU B 381 21.72 -28.80 13.50
C GLU B 381 21.12 -29.96 12.73
N LEU B 382 20.10 -29.69 11.92
CA LEU B 382 19.47 -30.72 11.11
C LEU B 382 20.34 -31.10 9.92
N THR B 383 20.72 -32.36 9.84
CA THR B 383 21.48 -32.88 8.70
C THR B 383 20.62 -33.74 7.80
N MSE B 384 21.03 -33.87 6.54
CA MSE B 384 20.30 -34.66 5.55
C MSE B 384 21.24 -35.48 4.68
O MSE B 384 22.12 -34.93 4.00
CB MSE B 384 19.43 -33.75 4.67
CG MSE B 384 18.59 -34.49 3.63
SE MSE B 384 17.57 -33.32 2.42
CE MSE B 384 19.04 -32.66 1.32
N ASN B 385 21.06 -36.80 4.69
CA ASN B 385 21.82 -37.69 3.81
C ASN B 385 20.97 -38.87 3.35
N LEU B 386 21.39 -39.51 2.26
CA LEU B 386 20.69 -40.68 1.75
C LEU B 386 20.80 -41.84 2.72
N PRO B 387 19.73 -42.66 2.82
CA PRO B 387 19.75 -43.82 3.71
C PRO B 387 20.76 -44.87 3.26
N LYS B 388 21.48 -45.46 4.20
CA LYS B 388 22.48 -46.47 3.89
C LYS B 388 21.88 -47.87 3.75
N ARG B 389 21.02 -48.23 4.69
CA ARG B 389 20.47 -49.59 4.71
C ARG B 389 19.19 -49.68 3.90
N ASP B 390 18.85 -50.90 3.48
CA ASP B 390 17.67 -51.14 2.66
C ASP B 390 16.46 -51.61 3.48
N ASN B 391 15.28 -51.20 3.05
CA ASN B 391 14.03 -51.73 3.58
C ASN B 391 13.30 -52.55 2.52
N LEU B 392 12.07 -52.96 2.80
CA LEU B 392 11.30 -53.74 1.84
C LEU B 392 11.07 -52.95 0.56
N THR B 393 10.96 -51.62 0.69
CA THR B 393 10.70 -50.75 -0.44
C THR B 393 11.88 -50.67 -1.40
N THR B 394 13.08 -50.46 -0.86
CA THR B 394 14.27 -50.30 -1.69
C THR B 394 14.84 -51.64 -2.15
N LEU B 395 14.38 -52.73 -1.54
CA LEU B 395 14.77 -54.07 -1.98
C LEU B 395 13.93 -54.52 -3.17
N THR B 396 12.83 -53.81 -3.41
CA THR B 396 11.94 -54.16 -4.51
C THR B 396 11.77 -52.99 -5.48
N ASN B 397 12.30 -51.84 -5.11
CA ASN B 397 12.25 -50.67 -5.97
C ASN B 397 13.58 -49.91 -5.92
N LYS B 398 14.36 -50.02 -6.98
CA LYS B 398 15.71 -49.45 -7.02
C LYS B 398 15.70 -47.98 -7.42
N SER B 399 14.59 -47.53 -7.99
CA SER B 399 14.44 -46.13 -8.39
C SER B 399 13.84 -45.30 -7.27
N ARG B 400 14.61 -44.35 -6.77
CA ARG B 400 14.14 -43.44 -5.74
C ARG B 400 13.16 -42.44 -6.31
N THR B 401 13.36 -42.09 -7.57
CA THR B 401 12.47 -41.18 -8.27
C THR B 401 11.09 -41.79 -8.42
N LEU B 402 11.06 -43.02 -8.90
CA LEU B 402 9.81 -43.75 -9.09
C LEU B 402 9.06 -43.93 -7.77
N ALA B 403 9.81 -44.33 -6.74
CA ALA B 403 9.27 -44.52 -5.38
C ALA B 403 8.56 -43.28 -4.81
N PHE B 404 9.22 -42.13 -4.89
CA PHE B 404 8.65 -40.91 -4.35
C PHE B 404 7.37 -40.52 -5.08
N VAL B 405 7.43 -40.55 -6.41
CA VAL B 405 6.29 -40.15 -7.24
C VAL B 405 5.08 -41.06 -6.98
N GLU B 406 5.32 -42.34 -6.74
CA GLU B 406 4.24 -43.29 -6.46
C GLU B 406 3.57 -43.00 -5.13
N ARG B 407 4.37 -42.72 -4.10
CA ARG B 407 3.79 -42.51 -2.78
CA ARG B 407 3.87 -42.48 -2.76
C ARG B 407 3.20 -41.11 -2.65
N ALA B 408 3.57 -40.23 -3.58
CA ALA B 408 2.99 -38.90 -3.63
C ALA B 408 1.58 -38.97 -4.20
N GLU B 409 1.41 -39.77 -5.24
CA GLU B 409 0.12 -39.93 -5.88
C GLU B 409 -0.89 -40.62 -4.97
N SER B 410 -0.43 -41.63 -4.22
CA SER B 410 -1.33 -42.36 -3.34
C SER B 410 -1.69 -41.52 -2.12
N TRP B 411 -0.75 -40.73 -1.64
CA TRP B 411 -1.03 -39.80 -0.55
C TRP B 411 -2.08 -38.78 -1.00
N TYR B 412 -1.86 -38.22 -2.19
CA TYR B 412 -2.80 -37.29 -2.80
C TYR B 412 -4.19 -37.91 -3.01
N GLN B 413 -4.20 -39.13 -3.55
CA GLN B 413 -5.46 -39.83 -3.83
C GLN B 413 -6.22 -40.14 -2.54
N GLN B 414 -5.46 -40.38 -1.47
CA GLN B 414 -6.06 -40.63 -0.16
C GLN B 414 -6.78 -39.40 0.37
N VAL B 415 -6.18 -38.22 0.19
CA VAL B 415 -6.75 -36.98 0.69
C VAL B 415 -8.05 -36.63 -0.03
N ILE B 416 -8.08 -36.82 -1.35
CA ILE B 416 -9.26 -36.43 -2.11
C ILE B 416 -10.35 -37.49 -2.04
N ALA B 417 -9.98 -38.71 -1.70
CA ALA B 417 -10.98 -39.77 -1.51
C ALA B 417 -11.62 -39.70 -0.12
N SER B 418 -10.82 -39.28 0.86
CA SER B 418 -11.27 -39.26 2.25
C SER B 418 -12.36 -38.23 2.45
N LYS B 419 -13.16 -38.39 3.50
CA LYS B 419 -14.20 -37.43 3.78
C LYS B 419 -13.77 -36.48 4.88
N ASP B 420 -13.34 -35.30 4.46
CA ASP B 420 -12.81 -34.26 5.31
C ASP B 420 -12.61 -33.07 4.40
N GLU B 421 -12.60 -31.87 4.97
CA GLU B 421 -12.28 -30.68 4.22
C GLU B 421 -10.88 -30.93 3.64
N ILE B 422 -10.70 -30.74 2.35
CA ILE B 422 -9.40 -31.02 1.74
C ILE B 422 -8.32 -30.11 2.31
N MSE B 423 -7.28 -30.70 2.89
CA MSE B 423 -6.13 -29.91 3.29
C MSE B 423 -5.35 -29.52 2.04
O MSE B 423 -5.25 -30.32 1.10
CB MSE B 423 -5.24 -30.65 4.29
CG MSE B 423 -4.97 -32.11 3.95
SE MSE B 423 -3.71 -32.90 5.22
CE MSE B 423 -3.95 -34.78 4.80
N THR B 424 -4.83 -28.30 1.99
CA THR B 424 -4.27 -27.76 0.78
C THR B 424 -2.75 -27.67 0.80
N ASP B 425 -2.13 -28.41 1.72
CA ASP B 425 -0.68 -28.47 1.80
C ASP B 425 -0.22 -29.73 2.53
N VAL B 426 1.01 -30.16 2.24
CA VAL B 426 1.60 -31.28 2.96
C VAL B 426 2.15 -30.81 4.30
N PRO B 427 1.69 -31.42 5.39
CA PRO B 427 2.19 -31.08 6.72
C PRO B 427 3.67 -31.46 6.86
N ALA B 428 4.41 -30.69 7.63
CA ALA B 428 5.83 -30.98 7.85
C ALA B 428 6.01 -32.18 8.76
N PHE B 429 7.03 -32.98 8.48
CA PHE B 429 7.31 -34.17 9.26
C PHE B 429 7.95 -33.77 10.59
N LYS B 430 7.47 -34.38 11.67
CA LYS B 430 7.95 -34.06 13.01
C LYS B 430 9.18 -34.87 13.41
N ILE B 431 10.26 -34.18 13.74
CA ILE B 431 11.50 -34.81 14.17
C ILE B 431 11.55 -34.93 15.69
N ARG C 15 -12.35 24.39 -9.58
CA ARG C 15 -13.62 25.09 -9.39
C ARG C 15 -14.80 24.17 -9.61
N VAL C 16 -15.97 24.76 -9.81
CA VAL C 16 -17.22 24.01 -9.99
C VAL C 16 -17.62 23.88 -11.45
N PRO C 17 -17.83 22.62 -11.91
CA PRO C 17 -18.30 22.33 -13.27
C PRO C 17 -19.55 23.13 -13.62
N VAL C 18 -19.55 23.74 -14.80
CA VAL C 18 -20.67 24.58 -15.23
C VAL C 18 -21.33 24.09 -16.51
N ILE C 19 -22.64 23.91 -16.48
CA ILE C 19 -23.40 23.52 -17.67
C ILE C 19 -24.17 24.71 -18.24
N ASP C 20 -23.75 25.16 -19.42
CA ASP C 20 -24.42 26.28 -20.08
C ASP C 20 -25.50 25.75 -21.03
N LEU C 21 -26.75 26.08 -20.73
CA LEU C 21 -27.88 25.55 -21.48
C LEU C 21 -27.98 26.13 -22.90
N ASN C 22 -27.29 27.24 -23.14
CA ASN C 22 -27.29 27.84 -24.47
C ASN C 22 -26.53 26.98 -25.47
N ARG C 23 -25.44 26.40 -25.01
CA ARG C 23 -24.61 25.53 -25.84
C ARG C 23 -25.24 24.14 -25.94
N VAL C 24 -25.28 23.45 -24.80
CA VAL C 24 -25.91 22.13 -24.71
C VAL C 24 -27.30 22.23 -24.06
N SER C 25 -28.33 21.82 -24.79
CA SER C 25 -29.71 22.01 -24.34
C SER C 25 -30.55 20.74 -24.37
N ASP C 26 -30.09 19.73 -25.09
CA ASP C 26 -30.88 18.51 -25.34
C ASP C 26 -30.50 17.35 -24.43
N GLU C 27 -31.44 16.43 -24.21
CA GLU C 27 -31.21 15.27 -23.36
C GLU C 27 -30.06 14.40 -23.90
N GLU C 28 -30.05 14.21 -25.21
CA GLU C 28 -28.98 13.46 -25.86
C GLU C 28 -27.63 14.17 -25.74
N GLN C 29 -27.66 15.50 -25.75
CA GLN C 29 -26.45 16.29 -25.64
C GLN C 29 -25.98 16.43 -24.19
N LEU C 30 -26.93 16.50 -23.27
CA LEU C 30 -26.63 16.73 -21.86
C LEU C 30 -26.05 15.51 -21.16
N LEU C 31 -26.55 14.34 -21.55
CA LEU C 31 -26.18 13.08 -20.90
C LEU C 31 -24.67 12.79 -20.83
N PRO C 32 -23.93 12.94 -21.95
CA PRO C 32 -22.49 12.68 -21.83
C PRO C 32 -21.78 13.69 -20.93
N VAL C 33 -22.22 14.95 -20.97
CA VAL C 33 -21.64 15.99 -20.14
C VAL C 33 -21.94 15.71 -18.66
N VAL C 34 -23.21 15.42 -18.38
CA VAL C 34 -23.65 15.12 -17.02
C VAL C 34 -22.92 13.88 -16.51
N ARG C 35 -22.86 12.83 -17.32
CA ARG C 35 -22.20 11.58 -16.92
C ARG C 35 -20.73 11.83 -16.60
N ALA C 36 -20.07 12.62 -17.43
CA ALA C 36 -18.66 12.95 -17.22
C ALA C 36 -18.46 13.71 -15.91
N ILE C 37 -19.34 14.66 -15.63
CA ILE C 37 -19.25 15.44 -14.40
C ILE C 37 -19.48 14.58 -13.16
N LEU C 38 -20.55 13.78 -13.18
CA LEU C 38 -20.92 12.99 -12.01
C LEU C 38 -19.92 11.89 -11.67
N LEU C 39 -19.07 11.52 -12.64
CA LEU C 39 -18.04 10.51 -12.42
C LEU C 39 -16.87 11.12 -11.66
N GLN C 40 -16.85 12.45 -11.55
CA GLN C 40 -15.76 13.13 -10.87
C GLN C 40 -16.29 14.12 -9.84
N HIS C 41 -17.58 14.49 -9.96
CA HIS C 41 -18.13 15.55 -9.13
C HIS C 41 -19.53 15.25 -8.61
N ASP C 42 -19.94 16.02 -7.60
CA ASP C 42 -21.28 15.90 -7.04
C ASP C 42 -22.00 17.24 -7.10
N THR C 43 -21.27 18.29 -7.47
CA THR C 43 -21.79 19.65 -7.53
C THR C 43 -21.55 20.28 -8.89
N PHE C 44 -22.55 20.95 -9.45
CA PHE C 44 -22.35 21.72 -10.68
C PHE C 44 -23.35 22.87 -10.78
N LEU C 45 -22.97 23.87 -11.59
CA LEU C 45 -23.79 25.07 -11.79
C LEU C 45 -24.60 24.98 -13.09
N LEU C 46 -25.71 25.70 -13.15
CA LEU C 46 -26.53 25.74 -14.36
C LEU C 46 -26.63 27.16 -14.92
N LYS C 47 -25.99 27.39 -16.07
CA LYS C 47 -25.96 28.73 -16.68
C LYS C 47 -27.04 28.91 -17.73
N ASN C 48 -27.53 30.15 -17.84
CA ASN C 48 -28.50 30.52 -18.87
C ASN C 48 -29.77 29.69 -18.89
N TYR C 49 -30.30 29.40 -17.70
CA TYR C 49 -31.61 28.78 -17.58
C TYR C 49 -32.68 29.70 -18.15
N ALA C 50 -33.62 29.12 -18.88
CA ALA C 50 -34.62 29.89 -19.64
C ALA C 50 -35.48 30.80 -18.76
N ASN C 51 -35.88 30.30 -17.59
CA ASN C 51 -36.78 31.04 -16.72
C ASN C 51 -36.06 31.63 -15.51
N LYS C 52 -34.77 31.91 -15.67
CA LYS C 52 -33.95 32.47 -14.60
C LYS C 52 -34.47 33.81 -14.12
N ALA C 53 -34.93 34.64 -15.06
CA ALA C 53 -35.43 35.96 -14.72
C ALA C 53 -36.68 35.84 -13.88
N VAL C 54 -37.62 35.02 -14.33
CA VAL C 54 -38.86 34.77 -13.59
C VAL C 54 -38.56 34.22 -12.20
N LEU C 55 -37.58 33.32 -12.12
CA LEU C 55 -37.17 32.71 -10.87
C LEU C 55 -36.58 33.70 -9.88
N ASP C 56 -35.69 34.55 -10.36
CA ASP C 56 -35.02 35.54 -9.52
C ASP C 56 -36.00 36.56 -8.97
N ALA C 57 -37.06 36.83 -9.74
CA ALA C 57 -38.10 37.75 -9.32
C ALA C 57 -38.88 37.18 -8.14
N LEU C 58 -39.26 35.92 -8.25
CA LEU C 58 -39.98 35.21 -7.20
C LEU C 58 -39.19 35.20 -5.89
N LEU C 59 -37.89 34.93 -5.98
CA LEU C 59 -37.04 34.92 -4.80
C LEU C 59 -36.96 36.28 -4.14
N ALA C 60 -36.90 37.32 -4.97
CA ALA C 60 -36.90 38.70 -4.47
C ALA C 60 -38.22 39.01 -3.76
N GLY C 61 -39.33 38.59 -4.38
CA GLY C 61 -40.64 38.81 -3.83
C GLY C 61 -40.82 38.25 -2.43
N LEU C 62 -40.16 37.11 -2.17
CA LEU C 62 -40.24 36.45 -0.86
C LEU C 62 -39.69 37.30 0.28
N THR C 63 -38.90 38.32 -0.06
CA THR C 63 -38.31 39.19 0.94
C THR C 63 -39.34 40.12 1.59
N THR C 64 -40.44 40.38 0.88
CA THR C 64 -41.47 41.27 1.40
C THR C 64 -42.89 40.72 1.24
N LYS C 65 -43.03 39.67 0.44
CA LYS C 65 -44.36 39.19 0.06
C LYS C 65 -44.51 37.69 0.38
N ASP C 66 -45.74 37.28 0.66
CA ASP C 66 -46.05 35.88 0.98
C ASP C 66 -45.13 35.37 2.08
N LEU C 67 -45.30 35.92 3.27
CA LEU C 67 -44.42 35.60 4.39
C LEU C 67 -44.80 34.28 5.03
N PRO C 68 -43.84 33.63 5.72
CA PRO C 68 -44.13 32.34 6.33
C PRO C 68 -45.28 32.42 7.33
N ASP C 69 -46.26 31.53 7.18
CA ASP C 69 -47.37 31.43 8.11
C ASP C 69 -46.84 30.98 9.46
N THR C 70 -46.60 31.94 10.35
CA THR C 70 -45.99 31.64 11.65
C THR C 70 -46.97 30.93 12.59
N SER C 71 -48.20 30.73 12.11
CA SER C 71 -49.24 30.09 12.91
C SER C 71 -49.59 28.68 12.42
N GLN C 72 -48.84 28.16 11.46
CA GLN C 72 -49.22 26.90 10.81
C GLN C 72 -48.72 25.69 11.61
N GLY C 73 -47.70 25.90 12.45
CA GLY C 73 -47.13 24.83 13.24
C GLY C 73 -46.15 23.97 12.46
N PHE C 74 -45.38 23.18 13.19
CA PHE C 74 -44.37 22.30 12.60
C PHE C 74 -44.52 20.89 13.17
N ASP C 75 -45.03 19.96 12.35
CA ASP C 75 -45.37 18.62 12.83
C ASP C 75 -44.21 17.60 12.79
N ALA C 76 -44.55 16.32 12.97
CA ALA C 76 -43.56 15.26 13.08
C ALA C 76 -43.03 14.81 11.73
N ASN C 77 -43.72 15.21 10.65
CA ASN C 77 -43.21 14.99 9.31
C ASN C 77 -42.19 16.05 8.90
N PHE C 78 -41.76 16.84 9.88
CA PHE C 78 -40.91 17.99 9.63
C PHE C 78 -41.48 18.90 8.53
N THR C 79 -42.76 19.23 8.66
CA THR C 79 -43.42 20.16 7.73
C THR C 79 -44.09 21.31 8.50
N GLY C 80 -44.24 22.44 7.83
CA GLY C 80 -44.82 23.65 8.39
C GLY C 80 -43.80 24.78 8.60
N THR C 81 -44.02 25.57 9.65
CA THR C 81 -43.10 26.65 9.99
C THR C 81 -42.45 26.46 11.34
N LEU C 82 -41.14 26.66 11.37
CA LEU C 82 -40.36 26.45 12.57
C LEU C 82 -39.53 27.70 12.86
N PRO C 83 -39.81 28.33 14.01
CA PRO C 83 -38.99 29.46 14.43
C PRO C 83 -37.60 28.98 14.85
N LEU C 84 -36.57 29.56 14.24
CA LEU C 84 -35.20 29.22 14.58
C LEU C 84 -34.56 30.36 15.37
N GLU C 85 -33.29 30.19 15.73
CA GLU C 85 -32.56 31.21 16.46
C GLU C 85 -32.35 32.45 15.59
N ASP C 86 -32.14 33.59 16.24
CA ASP C 86 -31.83 34.85 15.57
C ASP C 86 -32.90 35.30 14.57
N ASP C 87 -34.16 35.16 14.95
CA ASP C 87 -35.29 35.57 14.12
C ASP C 87 -35.24 34.99 12.71
N VAL C 88 -34.86 33.73 12.61
CA VAL C 88 -34.88 33.02 11.34
C VAL C 88 -36.05 32.05 11.33
N TRP C 89 -36.85 32.08 10.28
CA TRP C 89 -37.96 31.14 10.16
C TRP C 89 -37.69 30.12 9.07
N LEU C 90 -37.95 28.86 9.37
CA LEU C 90 -37.87 27.80 8.38
C LEU C 90 -39.26 27.38 7.95
N GLU C 91 -39.47 27.30 6.64
CA GLU C 91 -40.71 26.75 6.11
C GLU C 91 -40.37 25.55 5.25
N GLN C 92 -41.14 24.48 5.38
CA GLN C 92 -40.80 23.25 4.70
C GLN C 92 -42.03 22.41 4.35
N TYR C 93 -42.02 21.84 3.15
CA TYR C 93 -43.11 20.99 2.71
C TYR C 93 -42.56 19.73 2.04
N ILE C 94 -43.24 18.61 2.28
CA ILE C 94 -42.84 17.34 1.68
C ILE C 94 -44.02 16.69 0.97
N PHE C 95 -43.82 16.33 -0.30
CA PHE C 95 -44.87 15.71 -1.10
C PHE C 95 -44.43 14.31 -1.53
N ASP C 96 -45.37 13.37 -1.54
CA ASP C 96 -45.07 12.00 -1.94
C ASP C 96 -46.15 11.42 -2.85
N THR C 97 -45.71 10.58 -3.79
CA THR C 97 -46.60 9.96 -4.76
C THR C 97 -47.45 8.84 -4.17
N ASP C 98 -46.83 8.05 -3.28
CA ASP C 98 -47.46 6.86 -2.72
C ASP C 98 -48.74 7.20 -1.94
N PRO C 99 -49.89 6.65 -2.38
CA PRO C 99 -51.18 6.87 -1.70
C PRO C 99 -51.21 6.30 -0.29
N GLN C 100 -50.29 5.37 0.00
CA GLN C 100 -50.19 4.76 1.31
C GLN C 100 -49.59 5.75 2.32
N LEU C 101 -48.97 6.81 1.80
CA LEU C 101 -48.34 7.82 2.65
C LEU C 101 -49.25 9.03 2.90
N ARG C 102 -49.18 9.57 4.10
CA ARG C 102 -50.00 10.71 4.51
C ARG C 102 -49.15 11.95 4.78
N PHE C 103 -48.86 12.69 3.71
CA PHE C 103 -48.24 14.01 3.83
C PHE C 103 -49.25 15.05 3.37
N ASP C 104 -50.08 15.49 4.31
CA ASP C 104 -51.28 16.27 3.96
C ASP C 104 -51.10 17.79 3.96
N ARG C 105 -49.94 18.28 4.38
CA ARG C 105 -49.74 19.73 4.43
C ARG C 105 -49.64 20.33 3.03
N LYS C 106 -50.75 20.89 2.54
CA LYS C 106 -50.72 21.50 1.22
C LYS C 106 -50.03 22.86 1.33
N CYS C 107 -49.19 23.18 0.35
CA CYS C 107 -48.54 24.49 0.31
C CYS C 107 -49.49 25.54 -0.25
N ARG C 108 -49.86 26.51 0.57
CA ARG C 108 -50.81 27.54 0.16
C ARG C 108 -50.11 28.87 -0.11
N ASN C 109 -48.78 28.86 -0.03
CA ASN C 109 -47.98 30.03 -0.39
C ASN C 109 -47.76 30.09 -1.90
N GLU C 110 -48.44 31.02 -2.55
CA GLU C 110 -48.43 31.11 -4.02
C GLU C 110 -47.03 31.23 -4.60
N SER C 111 -46.18 32.01 -3.95
CA SER C 111 -44.80 32.19 -4.41
C SER C 111 -43.99 30.90 -4.33
N LEU C 112 -44.10 30.21 -3.19
CA LEU C 112 -43.38 28.96 -3.01
C LEU C 112 -43.87 27.89 -3.98
N CYS C 113 -45.16 27.93 -4.31
CA CYS C 113 -45.71 26.99 -5.28
C CYS C 113 -45.14 27.23 -6.67
N SER C 114 -45.00 28.50 -7.02
CA SER C 114 -44.43 28.89 -8.31
C SER C 114 -42.96 28.50 -8.41
N ILE C 115 -42.20 28.74 -7.34
CA ILE C 115 -40.82 28.33 -7.27
C ILE C 115 -40.71 26.81 -7.36
N TYR C 116 -41.63 26.13 -6.69
CA TYR C 116 -41.65 24.67 -6.67
C TYR C 116 -41.89 24.12 -8.07
N SER C 117 -42.90 24.66 -8.75
CA SER C 117 -43.30 24.13 -10.04
C SER C 117 -42.21 24.29 -11.10
N ARG C 118 -41.41 25.34 -10.99
CA ARG C 118 -40.29 25.53 -11.91
C ARG C 118 -39.09 24.66 -11.54
N LEU C 119 -38.76 24.61 -10.26
CA LEU C 119 -37.64 23.80 -9.79
C LEU C 119 -37.93 22.30 -9.95
N PHE C 120 -39.21 21.93 -9.98
CA PHE C 120 -39.58 20.52 -10.03
C PHE C 120 -39.30 19.89 -11.39
N LYS C 121 -39.91 20.44 -12.44
CA LYS C 121 -39.68 19.97 -13.81
C LYS C 121 -38.19 19.92 -14.11
N LEU C 122 -37.47 20.94 -13.69
CA LEU C 122 -36.02 21.00 -13.88
C LEU C 122 -35.33 19.90 -13.08
N GLY C 123 -35.65 19.83 -11.78
CA GLY C 123 -35.03 18.87 -10.90
C GLY C 123 -35.29 17.44 -11.33
N LEU C 124 -36.53 17.16 -11.69
CA LEU C 124 -36.96 15.84 -12.15
C LEU C 124 -36.19 15.44 -13.41
N PHE C 125 -36.03 16.39 -14.31
CA PHE C 125 -35.30 16.18 -15.55
C PHE C 125 -33.83 15.82 -15.30
N PHE C 126 -33.17 16.59 -14.45
CA PHE C 126 -31.77 16.34 -14.16
C PHE C 126 -31.56 15.15 -13.21
N ALA C 127 -32.61 14.81 -12.45
CA ALA C 127 -32.54 13.64 -11.58
C ALA C 127 -32.53 12.37 -12.41
N GLN C 128 -33.39 12.33 -13.42
CA GLN C 128 -33.47 11.19 -14.33
C GLN C 128 -32.17 11.06 -15.13
N LEU C 129 -31.56 12.18 -15.47
CA LEU C 129 -30.26 12.17 -16.15
C LEU C 129 -29.16 11.64 -15.25
N CYS C 130 -29.18 12.05 -13.98
CA CYS C 130 -28.20 11.59 -13.01
C CYS C 130 -28.27 10.08 -12.81
N VAL C 131 -29.49 9.56 -12.71
CA VAL C 131 -29.72 8.14 -12.52
C VAL C 131 -29.29 7.39 -13.77
N LYS C 132 -29.62 7.92 -14.93
CA LYS C 132 -29.25 7.29 -16.20
C LYS C 132 -27.73 7.41 -16.40
N SER C 133 -27.10 8.29 -15.65
CA SER C 133 -25.67 8.54 -15.76
C SER C 133 -24.78 7.54 -15.00
N VAL C 134 -25.14 7.24 -13.76
CA VAL C 134 -24.25 6.47 -12.88
C VAL C 134 -24.92 5.31 -12.13
N VAL C 135 -26.14 4.96 -12.50
CA VAL C 135 -26.83 3.86 -11.83
C VAL C 135 -27.10 2.73 -12.82
N SER C 136 -26.57 1.55 -12.51
CA SER C 136 -26.58 0.43 -13.45
C SER C 136 -27.91 -0.32 -13.51
N SER C 137 -28.52 -0.54 -12.34
CA SER C 137 -29.76 -1.32 -12.26
C SER C 137 -30.83 -0.80 -13.21
N ALA C 138 -31.51 -1.73 -13.88
CA ALA C 138 -32.53 -1.36 -14.87
C ALA C 138 -33.88 -1.10 -14.20
N GLU C 139 -34.09 -1.68 -13.02
CA GLU C 139 -35.30 -1.45 -12.27
C GLU C 139 -35.32 -0.04 -11.69
N LEU C 140 -34.13 0.48 -11.38
CA LEU C 140 -33.99 1.79 -10.78
C LEU C 140 -33.98 2.92 -11.81
N GLN C 141 -34.02 2.56 -13.09
CA GLN C 141 -33.96 3.57 -14.14
C GLN C 141 -35.26 4.36 -14.24
N ASP C 142 -36.37 3.76 -13.80
CA ASP C 142 -37.68 4.36 -13.93
C ASP C 142 -38.36 4.60 -12.59
N CYS C 143 -37.60 4.42 -11.51
CA CYS C 143 -38.11 4.65 -10.16
C CYS C 143 -38.64 6.07 -10.00
N ILE C 144 -37.93 7.02 -10.61
CA ILE C 144 -38.32 8.42 -10.55
C ILE C 144 -38.95 8.87 -11.86
N SER C 145 -40.19 9.33 -11.77
CA SER C 145 -40.93 9.79 -12.94
C SER C 145 -41.94 10.84 -12.53
N THR C 146 -42.70 11.37 -13.49
CA THR C 146 -43.69 12.41 -13.22
C THR C 146 -44.83 11.86 -12.36
N SER C 147 -44.90 10.54 -12.22
CA SER C 147 -45.97 9.91 -11.46
C SER C 147 -45.45 9.14 -10.25
N HIS C 148 -44.13 9.11 -10.06
CA HIS C 148 -43.51 8.45 -8.92
C HIS C 148 -42.34 9.27 -8.37
N TYR C 149 -42.56 9.96 -7.26
CA TYR C 149 -41.53 10.82 -6.68
C TYR C 149 -41.82 11.25 -5.24
N ALA C 150 -40.80 11.80 -4.60
CA ALA C 150 -40.97 12.48 -3.32
C ALA C 150 -40.10 13.74 -3.29
N THR C 151 -40.67 14.87 -2.90
CA THR C 151 -39.93 16.12 -2.88
C THR C 151 -39.93 16.79 -1.50
N LYS C 152 -38.88 17.56 -1.23
CA LYS C 152 -38.82 18.39 -0.04
C LYS C 152 -38.46 19.83 -0.42
N LEU C 153 -39.44 20.71 -0.33
CA LEU C 153 -39.24 22.14 -0.58
C LEU C 153 -38.89 22.84 0.73
N THR C 154 -37.71 23.45 0.77
CA THR C 154 -37.23 24.09 1.99
C THR C 154 -37.02 25.57 1.79
N ARG C 155 -37.56 26.37 2.70
CA ARG C 155 -37.41 27.82 2.64
C ARG C 155 -36.90 28.40 3.95
N TYR C 156 -35.81 29.15 3.87
CA TYR C 156 -35.38 29.95 5.01
C TYR C 156 -35.84 31.37 4.81
N PHE C 157 -36.32 31.99 5.86
CA PHE C 157 -36.75 33.38 5.80
C PHE C 157 -36.07 34.18 6.89
N ASN C 158 -35.42 35.28 6.50
CA ASN C 158 -34.79 36.13 7.49
C ASN C 158 -35.62 37.39 7.61
N ASP C 159 -36.09 37.64 8.83
CA ASP C 159 -36.93 38.79 9.11
C ASP C 159 -36.16 40.10 8.95
N ASP C 187 -23.28 32.25 11.08
CA ASP C 187 -22.43 31.10 10.80
C ASP C 187 -23.10 30.14 9.83
N TYR C 188 -22.55 28.93 9.72
CA TYR C 188 -22.96 28.01 8.66
C TYR C 188 -23.55 26.71 9.20
N VAL C 189 -24.52 26.17 8.45
CA VAL C 189 -25.11 24.87 8.75
C VAL C 189 -24.57 23.79 7.79
N THR C 190 -23.96 22.76 8.37
CA THR C 190 -23.49 21.62 7.59
C THR C 190 -24.57 20.56 7.50
N PHE C 191 -24.78 20.02 6.30
CA PHE C 191 -25.76 18.95 6.13
C PHE C 191 -25.43 18.09 4.91
N LEU C 192 -25.86 16.83 4.97
CA LEU C 192 -25.59 15.86 3.92
C LEU C 192 -26.91 15.39 3.29
N PRO C 193 -27.23 15.91 2.09
CA PRO C 193 -28.49 15.59 1.41
C PRO C 193 -28.68 14.11 1.16
N THR C 194 -29.94 13.68 1.22
CA THR C 194 -30.28 12.27 1.28
C THR C 194 -30.96 11.83 -0.02
N GLY C 195 -31.33 12.80 -0.84
CA GLY C 195 -32.02 12.51 -2.09
C GLY C 195 -31.11 12.09 -3.23
N VAL C 196 -31.70 12.02 -4.42
CA VAL C 196 -30.93 11.82 -5.63
C VAL C 196 -30.24 13.13 -5.97
N LEU C 197 -31.03 14.20 -5.98
CA LEU C 197 -30.54 15.50 -6.39
C LEU C 197 -31.20 16.62 -5.58
N THR C 198 -30.40 17.59 -5.15
CA THR C 198 -30.96 18.75 -4.48
C THR C 198 -30.54 20.02 -5.21
N ILE C 199 -31.51 20.88 -5.47
CA ILE C 199 -31.28 22.04 -6.34
C ILE C 199 -31.61 23.37 -5.66
N PHE C 200 -30.68 24.32 -5.79
CA PHE C 200 -30.86 25.68 -5.30
C PHE C 200 -31.08 26.64 -6.47
N PRO C 201 -32.08 27.53 -6.33
CA PRO C 201 -32.40 28.50 -7.40
C PRO C 201 -31.39 29.64 -7.50
N CYS C 202 -30.49 29.75 -6.52
CA CYS C 202 -29.48 30.80 -6.54
C CYS C 202 -28.18 30.30 -5.94
N ALA C 203 -27.11 30.35 -6.73
CA ALA C 203 -25.81 29.85 -6.30
C ALA C 203 -25.05 30.90 -5.48
N LYS C 204 -25.54 31.16 -4.27
CA LYS C 204 -24.91 32.14 -3.39
C LYS C 204 -25.10 31.69 -1.94
N ALA C 205 -24.16 32.05 -1.07
CA ALA C 205 -24.20 31.70 0.35
C ALA C 205 -24.23 30.19 0.57
N ILE C 206 -23.52 29.47 -0.29
CA ILE C 206 -23.39 28.02 -0.17
C ILE C 206 -21.92 27.65 -0.23
N ARG C 207 -21.49 26.70 0.59
CA ARG C 207 -20.12 26.21 0.53
C ARG C 207 -20.08 24.70 0.28
N TYR C 208 -19.03 24.25 -0.42
CA TYR C 208 -18.88 22.83 -0.70
C TYR C 208 -17.43 22.40 -0.48
N LYS C 209 -17.19 21.09 -0.52
CA LYS C 209 -15.81 20.59 -0.44
C LYS C 209 -15.42 19.86 -1.72
N PRO C 210 -14.45 20.41 -2.46
CA PRO C 210 -13.99 19.84 -3.72
C PRO C 210 -13.41 18.44 -3.54
N SER C 219 -11.39 21.56 3.88
CA SER C 219 -11.77 22.96 4.03
C SER C 219 -12.88 23.36 3.06
N TRP C 220 -13.86 24.12 3.56
CA TRP C 220 -14.99 24.54 2.75
C TRP C 220 -14.64 25.66 1.76
N VAL C 221 -15.27 25.64 0.59
CA VAL C 221 -15.07 26.69 -0.40
C VAL C 221 -16.41 27.33 -0.74
N SER C 222 -16.46 28.66 -0.64
CA SER C 222 -17.70 29.40 -0.90
C SER C 222 -18.04 29.46 -2.38
N ILE C 223 -19.34 29.55 -2.68
CA ILE C 223 -19.82 29.68 -4.04
C ILE C 223 -20.66 30.94 -4.22
N ASP C 224 -20.27 31.78 -5.17
CA ASP C 224 -21.00 33.01 -5.44
C ASP C 224 -21.24 33.20 -6.94
N GLU C 225 -22.25 32.52 -7.46
CA GLU C 225 -22.61 32.62 -8.87
C GLU C 225 -24.07 32.97 -9.02
N PRO C 226 -24.42 34.27 -8.84
CA PRO C 226 -25.80 34.76 -8.75
C PRO C 226 -26.65 34.47 -9.98
N ASP C 227 -26.01 34.28 -11.13
CA ASP C 227 -26.72 34.02 -12.37
C ASP C 227 -26.93 32.51 -12.61
N CYS C 228 -26.45 31.70 -11.67
CA CYS C 228 -26.53 30.25 -11.81
C CYS C 228 -27.47 29.60 -10.79
N LEU C 229 -28.03 28.46 -11.17
CA LEU C 229 -28.67 27.56 -10.22
C LEU C 229 -27.59 26.60 -9.73
N LEU C 230 -27.74 26.10 -8.51
CA LEU C 230 -26.80 25.12 -7.98
C LEU C 230 -27.42 23.73 -7.89
N PHE C 231 -26.68 22.73 -8.35
CA PHE C 231 -27.12 21.35 -8.26
C PHE C 231 -26.17 20.56 -7.38
N HIS C 232 -26.74 19.71 -6.54
CA HIS C 232 -25.94 18.82 -5.70
C HIS C 232 -26.60 17.45 -5.56
N THR C 233 -25.78 16.41 -5.60
CA THR C 233 -26.28 15.04 -5.50
C THR C 233 -26.27 14.56 -4.06
N GLY C 234 -27.19 13.66 -3.73
CA GLY C 234 -27.29 13.17 -2.36
C GLY C 234 -26.76 11.77 -2.15
N THR C 235 -26.94 11.26 -0.94
CA THR C 235 -26.42 9.96 -0.55
C THR C 235 -27.11 8.81 -1.27
N LEU C 236 -28.35 9.04 -1.69
CA LEU C 236 -29.10 7.99 -2.38
C LEU C 236 -28.46 7.66 -3.73
N LEU C 237 -28.08 8.70 -4.48
CA LEU C 237 -27.47 8.49 -5.78
C LEU C 237 -26.13 7.77 -5.63
N ALA C 238 -25.35 8.18 -4.64
CA ALA C 238 -24.03 7.58 -4.40
C ALA C 238 -24.19 6.10 -4.04
N ARG C 239 -25.14 5.82 -3.15
CA ARG C 239 -25.42 4.46 -2.73
C ARG C 239 -25.90 3.61 -3.92
N TRP C 240 -26.77 4.17 -4.74
CA TRP C 240 -27.28 3.44 -5.90
C TRP C 240 -26.27 3.35 -7.05
N SER C 241 -25.17 4.08 -6.94
CA SER C 241 -24.16 4.05 -7.99
C SER C 241 -23.21 2.87 -7.78
N GLN C 242 -23.24 2.32 -6.58
CA GLN C 242 -22.44 1.15 -6.21
C GLN C 242 -20.96 1.31 -6.53
N GLY C 243 -20.44 2.51 -6.28
CA GLY C 243 -19.02 2.78 -6.44
C GLY C 243 -18.74 3.81 -7.51
N MSE C 244 -19.67 3.95 -8.46
CA MSE C 244 -19.47 4.83 -9.61
C MSE C 244 -19.48 6.30 -9.23
O MSE C 244 -18.93 7.15 -9.92
CB MSE C 244 -20.54 4.56 -10.66
CG MSE C 244 -20.46 3.17 -11.30
SE MSE C 244 -18.81 2.87 -12.28
CE MSE C 244 -18.00 1.50 -11.14
N HIS C 245 -20.12 6.61 -8.10
CA HIS C 245 -20.31 8.00 -7.71
C HIS C 245 -20.20 8.18 -6.20
N THR C 246 -19.60 9.30 -5.79
CA THR C 246 -19.56 9.66 -4.37
C THR C 246 -20.03 11.09 -4.18
N THR C 247 -20.71 11.35 -3.06
CA THR C 247 -21.19 12.69 -2.77
C THR C 247 -20.53 13.23 -1.49
N SER C 248 -20.89 14.45 -1.12
CA SER C 248 -20.26 15.12 0.01
C SER C 248 -21.21 16.15 0.62
N PRO C 249 -20.99 16.53 1.89
CA PRO C 249 -21.91 17.46 2.53
C PRO C 249 -21.75 18.88 2.01
N LEU C 250 -22.81 19.67 2.11
CA LEU C 250 -22.78 21.09 1.79
C LEU C 250 -22.85 21.95 3.05
N GLN C 251 -22.51 23.23 2.90
CA GLN C 251 -22.78 24.23 3.94
C GLN C 251 -23.65 25.33 3.37
N ILE C 252 -24.64 25.76 4.15
CA ILE C 252 -25.49 26.87 3.75
C ILE C 252 -25.57 27.92 4.84
N ASP C 253 -25.83 29.15 4.43
CA ASP C 253 -26.04 30.24 5.37
C ASP C 253 -27.54 30.46 5.58
N PRO C 254 -28.02 30.15 6.80
CA PRO C 254 -29.46 30.22 7.11
C PRO C 254 -30.03 31.64 7.08
N ARG C 255 -29.17 32.64 7.13
CA ARG C 255 -29.60 34.03 7.17
C ARG C 255 -29.77 34.64 5.76
N ALA C 256 -29.56 33.83 4.73
CA ALA C 256 -29.53 34.35 3.37
C ALA C 256 -30.76 34.00 2.54
N ASN C 257 -31.87 33.67 3.20
CA ASN C 257 -33.14 33.37 2.54
C ASN C 257 -33.01 32.27 1.49
N ILE C 258 -32.25 31.23 1.80
CA ILE C 258 -32.01 30.14 0.87
C ILE C 258 -33.26 29.29 0.67
N VAL C 259 -33.52 28.93 -0.58
CA VAL C 259 -34.59 28.01 -0.93
C VAL C 259 -33.96 26.78 -1.58
N SER C 260 -34.56 25.60 -1.39
CA SER C 260 -34.01 24.39 -1.98
C SER C 260 -35.09 23.33 -2.24
N LEU C 261 -34.88 22.52 -3.28
CA LEU C 261 -35.75 21.40 -3.58
C LEU C 261 -34.93 20.11 -3.68
N THR C 262 -35.34 19.09 -2.94
CA THR C 262 -34.67 17.79 -3.01
C THR C 262 -35.59 16.76 -3.64
N ILE C 263 -35.06 15.92 -4.53
CA ILE C 263 -35.88 14.92 -5.19
C ILE C 263 -35.55 13.51 -4.70
N TRP C 264 -36.60 12.72 -4.48
CA TRP C 264 -36.48 11.32 -4.12
C TRP C 264 -37.37 10.48 -5.02
N PRO C 265 -37.13 9.15 -5.03
CA PRO C 265 -38.19 8.19 -5.39
C PRO C 265 -39.20 8.16 -4.26
N PRO C 266 -40.36 7.51 -4.43
CA PRO C 266 -41.30 7.41 -3.31
C PRO C 266 -40.60 6.98 -2.02
N LEU C 267 -40.95 7.59 -0.89
CA LEU C 267 -40.23 7.38 0.36
C LEU C 267 -40.27 5.93 0.84
N THR C 268 -41.25 5.16 0.36
CA THR C 268 -41.39 3.76 0.75
C THR C 268 -40.45 2.84 -0.01
N THR C 269 -39.70 3.40 -0.95
CA THR C 269 -38.77 2.62 -1.77
C THR C 269 -37.70 1.94 -0.90
N PRO C 270 -37.55 0.62 -1.07
CA PRO C 270 -36.56 -0.14 -0.31
C PRO C 270 -35.14 0.03 -0.83
N ILE C 271 -34.19 0.21 0.06
CA ILE C 271 -32.77 0.22 -0.30
C ILE C 271 -32.14 -1.15 -0.02
N SER C 272 -30.98 -1.42 -0.62
CA SER C 272 -30.23 -2.63 -0.32
C SER C 272 -29.65 -2.57 1.09
N GLY C 277 -31.32 1.26 6.41
CA GLY C 277 -32.75 1.10 6.61
C GLY C 277 -33.53 1.38 5.34
N THR C 278 -34.16 2.55 5.27
CA THR C 278 -34.87 2.95 4.07
C THR C 278 -34.59 4.41 3.78
N ILE C 279 -35.24 4.94 2.75
CA ILE C 279 -35.19 6.36 2.47
C ILE C 279 -35.68 7.17 3.66
N ALA C 280 -36.81 6.74 4.23
CA ALA C 280 -37.40 7.44 5.36
C ALA C 280 -36.47 7.50 6.57
N ASN C 281 -35.71 6.44 6.81
CA ASN C 281 -34.77 6.44 7.94
C ASN C 281 -33.66 7.45 7.76
N HIS C 282 -33.16 7.55 6.53
CA HIS C 282 -32.09 8.50 6.23
C HIS C 282 -32.63 9.91 6.25
N LEU C 283 -33.86 10.08 5.78
CA LEU C 283 -34.54 11.37 5.83
C LEU C 283 -34.73 11.84 7.26
N LEU C 284 -35.28 10.96 8.10
CA LEU C 284 -35.52 11.25 9.50
C LEU C 284 -34.24 11.61 10.23
N GLU C 285 -33.20 10.81 10.03
CA GLU C 285 -31.91 11.05 10.67
C GLU C 285 -31.31 12.39 10.27
N GLN C 286 -31.45 12.74 8.99
CA GLN C 286 -30.89 13.97 8.48
C GLN C 286 -31.65 15.17 9.05
N GLN C 287 -32.97 15.06 9.12
CA GLN C 287 -33.81 16.11 9.71
C GLN C 287 -33.56 16.25 11.22
N ILE C 288 -33.31 15.14 11.90
CA ILE C 288 -33.04 15.16 13.33
C ILE C 288 -31.73 15.90 13.62
N LYS C 289 -30.72 15.64 12.80
CA LYS C 289 -29.44 16.32 12.93
C LYS C 289 -29.58 17.81 12.67
N ALA C 290 -30.46 18.17 11.75
CA ALA C 290 -30.67 19.56 11.35
C ALA C 290 -31.45 20.37 12.38
N PHE C 291 -32.48 19.74 12.95
CA PHE C 291 -33.38 20.42 13.88
C PHE C 291 -33.55 19.62 15.16
N PRO C 292 -32.56 19.69 16.06
CA PRO C 292 -32.56 18.86 17.27
C PRO C 292 -33.68 19.16 18.27
N LYS C 293 -34.20 20.39 18.29
CA LYS C 293 -35.29 20.72 19.22
C LYS C 293 -36.65 20.18 18.77
N VAL C 294 -36.92 20.22 17.47
CA VAL C 294 -38.10 19.51 16.94
C VAL C 294 -37.95 18.03 17.21
N ALA C 295 -36.71 17.55 17.08
CA ALA C 295 -36.41 16.13 17.28
C ALA C 295 -36.61 15.74 18.74
N GLN C 296 -36.29 16.66 19.64
CA GLN C 296 -36.51 16.43 21.06
C GLN C 296 -38.01 16.26 21.36
N GLN C 297 -38.83 16.95 20.56
CA GLN C 297 -40.28 16.95 20.75
C GLN C 297 -40.98 15.71 20.17
N TYR C 298 -40.53 15.25 19.00
CA TYR C 298 -41.23 14.19 18.28
C TYR C 298 -40.45 12.88 18.16
N TYR C 299 -39.14 12.96 18.31
CA TYR C 299 -38.30 11.78 18.18
C TYR C 299 -37.20 11.78 19.23
N PRO C 300 -37.57 11.86 20.52
CA PRO C 300 -36.57 12.03 21.56
C PRO C 300 -35.65 10.82 21.72
N ARG C 301 -36.13 9.64 21.38
CA ARG C 301 -35.33 8.43 21.51
C ARG C 301 -34.31 8.34 20.39
N GLU C 302 -34.78 8.55 19.16
CA GLU C 302 -33.91 8.55 17.99
C GLU C 302 -32.77 9.56 18.13
N LEU C 303 -33.06 10.69 18.77
CA LEU C 303 -32.05 11.72 19.00
C LEU C 303 -30.97 11.24 19.96
N SER C 304 -31.39 10.60 21.05
CA SER C 304 -30.46 10.12 22.06
C SER C 304 -29.58 9.00 21.51
N ILE C 305 -30.16 8.17 20.62
CA ILE C 305 -29.42 7.07 20.01
C ILE C 305 -28.26 7.58 19.13
N LEU C 306 -28.51 8.63 18.35
CA LEU C 306 -27.47 9.26 17.55
C LEU C 306 -26.34 9.81 18.41
N ARG C 307 -26.71 10.44 19.52
CA ARG C 307 -25.73 10.98 20.45
C ARG C 307 -24.92 9.87 21.11
N LEU C 308 -25.58 8.75 21.37
CA LEU C 308 -24.91 7.59 21.94
C LEU C 308 -23.93 6.98 20.95
N GLN C 309 -24.32 6.96 19.67
CA GLN C 309 -23.47 6.42 18.62
C GLN C 309 -22.12 7.13 18.52
N ASP C 310 -22.15 8.44 18.72
CA ASP C 310 -20.91 9.21 18.74
C ASP C 310 -20.04 8.79 19.91
N ALA C 311 -20.67 8.51 21.04
CA ALA C 311 -19.93 8.04 22.21
C ALA C 311 -19.34 6.67 21.94
N MSE C 312 -20.01 5.87 21.11
CA MSE C 312 -19.53 4.55 20.75
C MSE C 312 -18.26 4.62 19.90
O MSE C 312 -17.32 3.85 20.14
CB MSE C 312 -20.60 3.76 19.98
CG MSE C 312 -21.80 3.33 20.81
SE MSE C 312 -21.36 2.63 22.59
CE MSE C 312 -21.69 4.26 23.58
N LYS C 313 -18.22 5.53 18.92
CA LYS C 313 -17.03 5.71 18.10
C LYS C 313 -15.85 6.14 18.95
N PHE C 314 -16.13 7.00 19.92
CA PHE C 314 -15.09 7.54 20.80
C PHE C 314 -14.38 6.43 21.58
N VAL C 315 -15.13 5.56 22.24
CA VAL C 315 -14.50 4.53 23.06
C VAL C 315 -13.83 3.46 22.22
N LYS C 316 -14.37 3.19 21.03
CA LYS C 316 -13.75 2.22 20.13
C LYS C 316 -12.40 2.71 19.63
N GLU C 317 -12.38 3.94 19.11
CA GLU C 317 -11.13 4.54 18.66
C GLU C 317 -10.14 4.72 19.80
N LEU C 318 -10.66 5.02 20.98
CA LEU C 318 -9.82 5.17 22.17
C LEU C 318 -9.15 3.85 22.54
N PHE C 319 -9.87 2.75 22.32
CA PHE C 319 -9.32 1.44 22.66
C PHE C 319 -8.14 1.11 21.76
N THR C 320 -8.29 1.36 20.46
CA THR C 320 -7.23 1.06 19.51
C THR C 320 -6.00 1.92 19.78
N VAL C 321 -6.22 3.18 20.15
CA VAL C 321 -5.14 4.08 20.51
C VAL C 321 -4.42 3.60 21.77
N CYS C 322 -5.18 3.13 22.75
CA CYS C 322 -4.61 2.60 23.97
C CYS C 322 -3.80 1.34 23.72
N GLU C 323 -4.22 0.57 22.73
CA GLU C 323 -3.50 -0.65 22.36
C GLU C 323 -2.13 -0.29 21.81
N THR C 324 -2.12 0.68 20.90
CA THR C 324 -0.86 1.11 20.29
C THR C 324 0.08 1.70 21.33
N VAL C 325 -0.43 2.59 22.18
CA VAL C 325 0.41 3.28 23.15
C VAL C 325 1.01 2.31 24.16
N LEU C 326 0.19 1.40 24.68
CA LEU C 326 0.66 0.42 25.66
C LEU C 326 1.62 -0.61 25.05
N SER C 327 1.42 -0.94 23.77
CA SER C 327 2.31 -1.89 23.09
C SER C 327 3.71 -1.32 22.91
N LEU C 328 3.78 -0.08 22.42
CA LEU C 328 5.07 0.57 22.21
C LEU C 328 5.78 0.80 23.53
N ASN C 329 4.99 1.04 24.58
CA ASN C 329 5.54 1.31 25.90
C ASN C 329 6.13 0.07 26.55
N ALA C 330 5.55 -1.09 26.26
CA ALA C 330 6.01 -2.33 26.88
C ALA C 330 7.36 -2.78 26.33
N LEU C 331 7.84 -2.11 25.28
CA LEU C 331 9.14 -2.43 24.72
C LEU C 331 10.25 -1.88 25.61
N SER C 332 9.90 -0.89 26.42
CA SER C 332 10.87 -0.26 27.31
C SER C 332 10.92 -0.95 28.67
N VAL C 337 7.11 -2.98 35.88
CA VAL C 337 6.37 -1.98 36.65
C VAL C 337 5.46 -1.16 35.74
N PRO C 338 4.15 -1.13 36.06
CA PRO C 338 3.16 -0.42 35.25
C PRO C 338 3.36 1.09 35.20
N PRO C 339 3.13 1.70 34.02
CA PRO C 339 3.23 3.14 33.82
C PRO C 339 2.09 3.89 34.49
N GLU C 340 2.32 5.12 34.94
CA GLU C 340 1.23 5.91 35.51
C GLU C 340 0.38 6.47 34.37
N LEU C 341 -0.93 6.50 34.60
CA LEU C 341 -1.88 6.77 33.51
C LEU C 341 -1.74 8.18 32.95
N HIS C 342 -1.44 9.15 33.81
CA HIS C 342 -1.30 10.54 33.37
C HIS C 342 -0.07 10.74 32.48
N VAL C 343 0.88 9.83 32.57
CA VAL C 343 2.04 9.84 31.68
C VAL C 343 1.65 9.49 30.25
N LEU C 344 0.71 8.56 30.11
CA LEU C 344 0.31 8.05 28.81
C LEU C 344 -0.73 8.92 28.13
N LEU C 345 -1.45 9.71 28.93
CA LEU C 345 -2.54 10.54 28.41
C LEU C 345 -2.14 11.55 27.33
N PRO C 346 -1.02 12.27 27.49
CA PRO C 346 -0.65 13.21 26.41
C PRO C 346 -0.45 12.54 25.05
N GLN C 347 0.23 11.39 25.02
CA GLN C 347 0.43 10.67 23.76
C GLN C 347 -0.88 10.10 23.25
N ILE C 348 -1.71 9.64 24.18
CA ILE C 348 -3.06 9.16 23.86
C ILE C 348 -3.87 10.31 23.26
N SER C 349 -3.75 11.48 23.87
CA SER C 349 -4.46 12.67 23.43
C SER C 349 -4.06 13.08 22.01
N SER C 350 -2.77 12.95 21.71
CA SER C 350 -2.26 13.26 20.37
C SER C 350 -2.91 12.39 19.30
N MSE C 351 -2.89 11.08 19.51
CA MSE C 351 -3.45 10.14 18.54
C MSE C 351 -4.96 10.31 18.40
O MSE C 351 -5.51 10.13 17.32
CB MSE C 351 -3.10 8.72 18.93
CG MSE C 351 -1.61 8.46 19.11
SE MSE C 351 -1.14 6.59 19.43
CE MSE C 351 -1.68 5.85 17.70
N MSE C 352 -5.62 10.67 19.49
CA MSE C 352 -7.07 10.91 19.45
C MSE C 352 -7.38 12.30 18.89
O MSE C 352 -8.53 12.60 18.61
CB MSE C 352 -7.69 10.74 20.84
CG MSE C 352 -7.76 9.30 21.33
SE MSE C 352 -9.08 8.23 20.36
CE MSE C 352 -10.71 8.89 21.21
N LYS C 353 -6.34 13.12 18.75
CA LYS C 353 -6.47 14.49 18.23
C LYS C 353 -7.43 15.32 19.07
N ARG C 354 -7.51 14.99 20.36
CA ARG C 354 -8.34 15.73 21.30
C ARG C 354 -7.90 15.39 22.73
N LYS C 355 -8.28 16.23 23.69
CA LYS C 355 -7.92 16.01 25.09
C LYS C 355 -8.58 14.76 25.66
N ILE C 356 -7.76 13.89 26.24
CA ILE C 356 -8.26 12.68 26.88
C ILE C 356 -7.90 12.69 28.35
N VAL C 357 -8.92 12.61 29.21
CA VAL C 357 -8.69 12.60 30.65
C VAL C 357 -8.86 11.19 31.20
N GLN C 358 -8.45 11.02 32.46
CA GLN C 358 -8.54 9.73 33.15
C GLN C 358 -9.96 9.17 33.16
N ASP C 359 -10.94 10.05 33.14
CA ASP C 359 -12.36 9.66 33.10
C ASP C 359 -12.69 8.97 31.78
N ASP C 360 -12.06 9.41 30.70
CA ASP C 360 -12.26 8.81 29.38
C ASP C 360 -11.77 7.36 29.33
N ILE C 361 -10.62 7.11 29.95
CA ILE C 361 -10.04 5.77 29.98
C ILE C 361 -10.95 4.79 30.72
N LEU C 362 -11.57 5.24 31.79
CA LEU C 362 -12.43 4.40 32.62
C LEU C 362 -13.70 3.97 31.91
N LYS C 363 -14.05 4.66 30.82
CA LYS C 363 -15.17 4.24 29.98
C LYS C 363 -14.92 2.89 29.34
N LEU C 364 -13.66 2.60 29.03
CA LEU C 364 -13.29 1.34 28.41
C LEU C 364 -13.57 0.15 29.33
N LEU C 365 -13.27 0.34 30.62
CA LEU C 365 -13.47 -0.70 31.62
C LEU C 365 -14.95 -1.01 31.83
N THR C 366 -15.81 -0.03 31.56
CA THR C 366 -17.25 -0.24 31.62
C THR C 366 -17.67 -1.23 30.55
N ILE C 367 -17.16 -1.01 29.34
CA ILE C 367 -17.43 -1.91 28.22
C ILE C 367 -16.80 -3.30 28.42
N TRP C 368 -15.60 -3.32 28.98
CA TRP C 368 -14.87 -4.58 29.18
C TRP C 368 -13.91 -4.44 30.36
N SER C 369 -14.30 -5.03 31.49
CA SER C 369 -13.59 -4.86 32.75
C SER C 369 -12.22 -5.55 32.78
N ASP C 370 -12.05 -6.59 31.97
CA ASP C 370 -10.82 -7.36 31.96
C ASP C 370 -9.87 -6.89 30.88
N ALA C 371 -10.24 -5.81 30.19
CA ALA C 371 -9.41 -5.26 29.14
C ALA C 371 -8.06 -4.83 29.70
N TYR C 372 -8.07 -4.14 30.84
CA TYR C 372 -6.83 -3.66 31.42
C TYR C 372 -6.81 -3.87 32.93
N VAL C 373 -5.60 -3.98 33.49
CA VAL C 373 -5.46 -4.00 34.93
C VAL C 373 -5.16 -2.59 35.41
N VAL C 374 -6.18 -1.94 35.95
CA VAL C 374 -6.05 -0.56 36.42
C VAL C 374 -6.12 -0.50 37.94
N GLU C 375 -5.00 -0.12 38.56
CA GLU C 375 -4.92 -0.04 40.01
C GLU C 375 -4.23 1.23 40.46
N LEU C 376 -4.27 1.48 41.77
CA LEU C 376 -3.53 2.58 42.37
C LEU C 376 -2.22 2.08 42.98
N ASN C 377 -1.11 2.68 42.58
CA ASN C 377 0.18 2.32 43.16
C ASN C 377 0.32 2.91 44.56
N SER C 378 1.48 2.72 45.17
CA SER C 378 1.72 3.18 46.54
C SER C 378 1.57 4.69 46.71
N ARG C 379 1.74 5.44 45.63
CA ARG C 379 1.63 6.90 45.68
C ARG C 379 0.24 7.39 45.26
N GLY C 380 -0.74 6.49 45.29
CA GLY C 380 -2.12 6.85 44.99
C GLY C 380 -2.34 7.40 43.58
N GLU C 381 -1.61 6.85 42.62
CA GLU C 381 -1.78 7.23 41.22
C GLU C 381 -2.26 6.03 40.42
N LEU C 382 -3.06 6.28 39.39
CA LEU C 382 -3.58 5.19 38.57
C LEU C 382 -2.53 4.61 37.63
N THR C 383 -2.27 3.33 37.79
CA THR C 383 -1.36 2.61 36.89
C THR C 383 -2.19 1.72 35.97
N MSE C 384 -1.71 1.53 34.74
CA MSE C 384 -2.46 0.80 33.74
C MSE C 384 -1.55 -0.08 32.90
O MSE C 384 -0.51 0.37 32.43
CB MSE C 384 -3.22 1.78 32.83
CG MSE C 384 -4.03 1.14 31.73
SE MSE C 384 -4.42 2.42 30.30
CE MSE C 384 -6.01 1.59 29.55
N ASN C 385 -1.95 -1.34 32.71
CA ASN C 385 -1.19 -2.26 31.87
C ASN C 385 -2.02 -3.43 31.38
N LEU C 386 -1.53 -4.08 30.32
CA LEU C 386 -2.18 -5.26 29.76
C LEU C 386 -2.11 -6.43 30.73
N PRO C 387 -3.14 -7.27 30.74
CA PRO C 387 -3.20 -8.45 31.60
C PRO C 387 -2.13 -9.47 31.26
N LYS C 388 -1.56 -10.09 32.29
CA LYS C 388 -0.55 -11.13 32.12
C LYS C 388 -1.23 -12.48 31.89
N ARG C 389 -2.22 -12.76 32.74
CA ARG C 389 -2.90 -14.05 32.78
C ARG C 389 -4.12 -14.12 31.87
N ASP C 390 -4.54 -15.34 31.55
CA ASP C 390 -5.69 -15.54 30.69
C ASP C 390 -6.96 -15.83 31.51
N ASN C 391 -8.09 -15.33 31.03
CA ASN C 391 -9.38 -15.77 31.56
C ASN C 391 -10.10 -16.52 30.46
N LEU C 392 -11.37 -16.84 30.67
CA LEU C 392 -12.14 -17.58 29.69
C LEU C 392 -12.22 -16.85 28.35
N THR C 393 -12.26 -15.52 28.39
CA THR C 393 -12.39 -14.73 27.17
C THR C 393 -11.16 -14.82 26.28
N THR C 394 -9.98 -14.60 26.86
CA THR C 394 -8.74 -14.58 26.08
C THR C 394 -8.21 -15.98 25.75
N LEU C 395 -8.75 -17.00 26.39
CA LEU C 395 -8.42 -18.39 26.09
C LEU C 395 -9.19 -18.90 24.88
N THR C 396 -10.25 -18.16 24.51
CA THR C 396 -11.12 -18.57 23.42
C THR C 396 -11.22 -17.51 22.33
N ASN C 397 -10.61 -16.35 22.56
CA ASN C 397 -10.62 -15.26 21.60
C ASN C 397 -9.23 -14.66 21.48
N LYS C 398 -8.59 -14.87 20.33
CA LYS C 398 -7.20 -14.46 20.15
C LYS C 398 -7.11 -12.97 19.84
N SER C 399 -8.21 -12.40 19.38
CA SER C 399 -8.20 -10.98 19.11
C SER C 399 -8.75 -10.20 20.30
N ARG C 400 -7.85 -9.43 20.88
CA ARG C 400 -8.17 -8.57 22.00
C ARG C 400 -8.98 -7.38 21.50
N THR C 401 -8.69 -6.95 20.28
CA THR C 401 -9.45 -5.88 19.62
C THR C 401 -10.88 -6.31 19.27
N LEU C 402 -11.02 -7.48 18.66
CA LEU C 402 -12.33 -8.02 18.30
C LEU C 402 -13.22 -8.20 19.52
N ALA C 403 -12.63 -8.68 20.61
CA ALA C 403 -13.36 -8.86 21.87
C ALA C 403 -14.04 -7.56 22.28
N PHE C 404 -13.28 -6.47 22.26
CA PHE C 404 -13.81 -5.17 22.66
C PHE C 404 -14.95 -4.68 21.78
N VAL C 405 -14.76 -4.72 20.47
CA VAL C 405 -15.74 -4.17 19.53
C VAL C 405 -17.08 -4.88 19.64
N GLU C 406 -17.05 -6.19 19.85
CA GLU C 406 -18.27 -6.97 19.99
C GLU C 406 -18.99 -6.65 21.30
N ARG C 407 -18.24 -6.53 22.39
CA ARG C 407 -18.85 -6.23 23.68
C ARG C 407 -19.29 -4.77 23.75
N ALA C 408 -18.70 -3.93 22.90
CA ALA C 408 -19.12 -2.53 22.79
C ALA C 408 -20.44 -2.47 22.05
N GLU C 409 -20.54 -3.24 20.98
CA GLU C 409 -21.76 -3.30 20.18
C GLU C 409 -22.91 -3.91 20.99
N SER C 410 -22.63 -4.94 21.77
CA SER C 410 -23.70 -5.59 22.53
C SER C 410 -24.12 -4.69 23.69
N TRP C 411 -23.16 -3.98 24.27
CA TRP C 411 -23.44 -2.99 25.31
C TRP C 411 -24.35 -1.90 24.74
N TYR C 412 -24.01 -1.43 23.55
CA TYR C 412 -24.82 -0.45 22.83
C TYR C 412 -26.23 -0.96 22.56
N GLN C 413 -26.34 -2.21 22.12
CA GLN C 413 -27.64 -2.81 21.81
C GLN C 413 -28.52 -2.97 23.05
N GLN C 414 -27.90 -3.26 24.18
CA GLN C 414 -28.63 -3.38 25.45
C GLN C 414 -29.21 -2.04 25.90
N VAL C 415 -28.45 -0.97 25.74
CA VAL C 415 -28.87 0.34 26.20
C VAL C 415 -30.07 0.85 25.40
N ILE C 416 -30.05 0.65 24.10
CA ILE C 416 -31.14 1.15 23.26
C ILE C 416 -32.35 0.23 23.29
N ALA C 417 -32.16 -1.02 23.71
CA ALA C 417 -33.27 -1.98 23.84
C ALA C 417 -34.06 -1.81 25.14
N SER C 418 -33.37 -1.35 26.17
CA SER C 418 -33.93 -1.22 27.52
C SER C 418 -35.07 -0.22 27.58
N LYS C 419 -35.82 -0.22 28.67
CA LYS C 419 -36.96 0.67 28.81
C LYS C 419 -36.52 1.97 29.47
N ASP C 420 -35.31 1.95 30.03
CA ASP C 420 -34.76 3.09 30.75
C ASP C 420 -34.36 4.20 29.78
N GLU C 421 -34.24 5.41 30.30
CA GLU C 421 -33.76 6.56 29.53
C GLU C 421 -32.40 6.27 28.91
N ILE C 422 -32.30 6.53 27.61
CA ILE C 422 -31.05 6.28 26.89
C ILE C 422 -29.93 7.16 27.43
N MSE C 423 -28.92 6.52 28.01
CA MSE C 423 -27.68 7.24 28.33
C MSE C 423 -27.07 7.71 27.03
O MSE C 423 -27.10 6.99 26.04
CB MSE C 423 -26.69 6.34 29.08
CG MSE C 423 -27.31 5.42 30.12
SE MSE C 423 -26.00 4.10 30.74
CE MSE C 423 -27.05 2.48 30.48
N THR C 424 -26.54 8.92 27.00
CA THR C 424 -25.92 9.41 25.78
C THR C 424 -24.40 9.37 25.89
N ASP C 425 -23.91 8.62 26.87
CA ASP C 425 -22.47 8.42 27.03
C ASP C 425 -22.19 7.17 27.85
N VAL C 426 -21.01 6.60 27.68
CA VAL C 426 -20.59 5.46 28.50
C VAL C 426 -20.12 5.99 29.85
N PRO C 427 -20.73 5.51 30.93
CA PRO C 427 -20.32 5.95 32.27
C PRO C 427 -18.91 5.46 32.58
N ALA C 428 -18.15 6.26 33.33
CA ALA C 428 -16.81 5.85 33.71
C ALA C 428 -16.87 4.75 34.76
N PHE C 429 -15.95 3.81 34.67
CA PHE C 429 -15.90 2.68 35.60
C PHE C 429 -15.36 3.13 36.95
N LYS C 430 -16.00 2.70 38.02
CA LYS C 430 -15.59 3.09 39.37
C LYS C 430 -14.51 2.15 39.90
N ILE C 431 -13.37 2.72 40.28
CA ILE C 431 -12.28 1.93 40.84
C ILE C 431 -12.34 1.88 42.36
N ASN C 432 -12.32 0.67 42.91
CA ASN C 432 -12.36 0.47 44.36
C ASN C 432 -10.96 0.56 44.98
S SO4 D . 57.51 29.42 34.55
O1 SO4 D . 57.29 29.71 33.15
O2 SO4 D . 58.08 28.08 34.68
O3 SO4 D . 58.45 30.38 35.12
O4 SO4 D . 56.24 29.47 35.28
S SO4 E . 39.76 27.29 33.03
O1 SO4 E . 39.49 27.03 31.62
O2 SO4 E . 41.17 27.64 33.19
O3 SO4 E . 38.93 28.41 33.49
O4 SO4 E . 39.45 26.11 33.82
C1 GOL F . 49.31 28.07 17.02
O1 GOL F . 49.57 27.30 18.17
C2 GOL F . 47.94 27.70 16.44
O2 GOL F . 46.91 28.30 17.19
C3 GOL F . 47.87 28.13 14.98
O3 GOL F . 46.67 28.84 14.74
C1 GOL G . 27.33 0.31 4.80
O1 GOL G . 28.70 0.43 4.51
C2 GOL G . 26.52 0.29 3.51
O2 GOL G . 25.36 -0.50 3.66
C3 GOL G . 26.14 1.71 3.15
O3 GOL G . 27.22 2.30 2.46
S SO4 H . 3.48 -1.50 -51.52
O1 SO4 H . 2.77 -1.49 -52.81
O2 SO4 H . 4.47 -2.57 -51.54
O3 SO4 H . 4.15 -0.23 -51.31
O4 SO4 H . 2.53 -1.73 -50.43
S SO4 I . -5.04 -28.88 -47.04
O1 SO4 I . -5.63 -28.93 -48.39
O2 SO4 I . -4.24 -30.09 -46.82
O3 SO4 I . -4.17 -27.70 -46.94
O4 SO4 I . -6.10 -28.79 -46.04
S SO4 J . 20.41 -45.98 7.74
O1 SO4 J . 19.73 -46.83 6.75
O2 SO4 J . 21.58 -46.68 8.25
O3 SO4 J . 20.83 -44.74 7.08
O4 SO4 J . 19.49 -45.68 8.83
C1 GOL K . -8.07 -14.99 -17.41
O1 GOL K . -7.37 -14.17 -16.50
C2 GOL K . -9.42 -14.35 -17.72
O2 GOL K . -9.24 -13.35 -18.70
C3 GOL K . -10.41 -15.40 -18.20
O3 GOL K . -11.72 -14.89 -18.12
S SO4 L . -2.99 -10.08 35.58
O1 SO4 L . -3.69 -10.56 34.38
O2 SO4 L . -2.29 -11.20 36.20
O3 SO4 L . -2.03 -9.04 35.21
O4 SO4 L . -3.96 -9.52 36.52
S SO4 M . -5.15 -8.12 18.87
O1 SO4 M . -4.25 -8.17 17.72
O2 SO4 M . -4.82 -9.20 19.80
O3 SO4 M . -4.99 -6.84 19.56
O4 SO4 M . -6.53 -8.26 18.41
#